data_1CLE
#
_entry.id   1CLE
#
_cell.length_a   58.790
_cell.length_b   90.920
_cell.length_c   58.790
_cell.angle_alpha   93.39
_cell.angle_beta   105.74
_cell.angle_gamma   97.22
#
_symmetry.space_group_name_H-M   'P 1'
#
loop_
_entity.id
_entity.type
_entity.pdbx_description
1 polymer 'CHOLESTEROL ESTERASE'
2 branched 2-acetamido-2-deoxy-beta-D-glucopyranose-(1-4)-2-acetamido-2-deoxy-beta-D-glucopyranose
3 non-polymer 2-acetamido-2-deoxy-beta-D-glucopyranose
4 non-polymer 'PHOSPHATE ION'
5 non-polymer 'CHOLESTERYL LINOLEATE'
6 water water
#
_entity_poly.entity_id   1
_entity_poly.type   'polypeptide(L)'
_entity_poly.pdbx_seq_one_letter_code
;APTAKLANGDTITGLNAIINEAFLGIPFAEPPVGNLRFKDPVPYSGSLNGQKFTSYGPSCMQQNPEGTFEENLGKTALDL
VMQSKVFQAVLPQSEDCLTINVVRPPGTKAGANLPVMLWIFGGGFEIGSPTIFPPAQMVTKSVLMGKPIIHVAVNYRVAS
WGFLAGDDIKAEGSGNAGLKDQRLGMQWVADNIAGFGGDPSKVTIFGESAGSMSVLCHLIWNDGDNTYKGKPLFRAGIMQ
SGAMVPSDPVDGTYGNEIYDLFVSSAGCGSASDKLACLRSASSDTLLDATNNTPGFLAYSSLRLSYLPRPDGKNITDDMY
KLVRDGKYASVPVIIGDQNDEGTVFGLSSLNVTTNAQARAYFKQSFIHASDAEIDTLMAAYPQDITQGSPFDTGIFNAIT
PQFKRISAVLGDLAFIHARRYFLNHFQGGTKYSFLSKQLSGLPIMGTFHANDIVWQDYLLGSGSVIYNNAFIAFATDLDP
NTAGLLVNWPKYTSSSQSGNNLMMINALGLYTGKDNFRTAGYDALMTNPSSFFV
;
_entity_poly.pdbx_strand_id   A,B
#
loop_
_chem_comp.id
_chem_comp.type
_chem_comp.name
_chem_comp.formula
CLL non-polymer 'CHOLESTERYL LINOLEATE' 'C45 H76 O2'
NAG D-saccharide, beta linking 2-acetamido-2-deoxy-beta-D-glucopyranose 'C8 H15 N O6'
PO4 non-polymer 'PHOSPHATE ION' 'O4 P -3'
#
# COMPACT_ATOMS: atom_id res chain seq x y z
N ALA A 1 5.99 -35.76 -14.47
CA ALA A 1 5.33 -37.09 -14.30
C ALA A 1 3.80 -37.03 -14.46
N PRO A 2 3.12 -36.00 -13.89
CA PRO A 2 1.66 -35.99 -14.09
C PRO A 2 1.43 -35.80 -15.59
N THR A 3 0.65 -36.68 -16.20
CA THR A 3 0.41 -36.52 -17.64
C THR A 3 -1.07 -36.46 -17.94
N ALA A 4 -1.42 -35.85 -19.08
CA ALA A 4 -2.82 -35.74 -19.49
C ALA A 4 -2.89 -35.86 -20.99
N LYS A 5 -4.01 -36.40 -21.47
CA LYS A 5 -4.21 -36.59 -22.89
C LYS A 5 -5.28 -35.62 -23.39
N LEU A 6 -4.93 -34.79 -24.37
CA LEU A 6 -5.90 -33.85 -24.93
C LEU A 6 -6.79 -34.54 -25.97
N ALA A 7 -7.87 -33.87 -26.37
CA ALA A 7 -8.81 -34.40 -27.35
C ALA A 7 -8.20 -34.84 -28.68
N ASN A 8 -7.13 -34.16 -29.11
CA ASN A 8 -6.47 -34.48 -30.37
C ASN A 8 -5.50 -35.63 -30.24
N GLY A 9 -5.32 -36.12 -29.01
CA GLY A 9 -4.42 -37.23 -28.78
C GLY A 9 -3.07 -36.80 -28.23
N ASP A 10 -2.79 -35.50 -28.21
CA ASP A 10 -1.52 -35.03 -27.69
C ASP A 10 -1.42 -35.45 -26.24
N THR A 11 -0.21 -35.79 -25.80
CA THR A 11 -0.03 -36.17 -24.41
C THR A 11 0.88 -35.13 -23.78
N ILE A 12 0.38 -34.42 -22.78
CA ILE A 12 1.17 -33.39 -22.13
C ILE A 12 1.56 -33.78 -20.72
N THR A 13 2.58 -33.12 -20.20
CA THR A 13 3.12 -33.38 -18.88
C THR A 13 2.86 -32.17 -17.99
N GLY A 14 2.71 -32.41 -16.69
CA GLY A 14 2.44 -31.33 -15.77
C GLY A 14 3.40 -31.25 -14.62
N LEU A 15 2.96 -30.59 -13.56
CA LEU A 15 3.77 -30.38 -12.36
C LEU A 15 3.15 -31.07 -11.17
N ASN A 16 3.93 -31.90 -10.50
CA ASN A 16 3.44 -32.56 -9.31
C ASN A 16 3.82 -31.64 -8.15
N ALA A 17 2.81 -31.01 -7.54
CA ALA A 17 3.07 -30.10 -6.42
C ALA A 17 2.79 -30.77 -5.07
N ILE A 18 2.74 -32.10 -5.08
CA ILE A 18 2.47 -32.97 -3.92
C ILE A 18 1.01 -32.87 -3.49
N ILE A 19 0.57 -31.66 -3.11
CA ILE A 19 -0.80 -31.41 -2.67
C ILE A 19 -1.81 -31.38 -3.81
N ASN A 20 -1.29 -31.25 -5.04
CA ASN A 20 -2.10 -31.26 -6.25
C ASN A 20 -1.19 -31.45 -7.46
N GLU A 21 -1.83 -31.58 -8.63
CA GLU A 21 -1.13 -31.75 -9.89
C GLU A 21 -1.63 -30.62 -10.78
N ALA A 22 -0.71 -29.80 -11.27
CA ALA A 22 -1.06 -28.68 -12.10
C ALA A 22 -0.56 -28.80 -13.55
N PHE A 23 -1.32 -28.21 -14.47
CA PHE A 23 -0.96 -28.18 -15.88
C PHE A 23 -1.20 -26.71 -16.16
N LEU A 24 -0.12 -25.94 -16.09
CA LEU A 24 -0.19 -24.50 -16.25
C LEU A 24 0.32 -23.94 -17.58
N GLY A 25 -0.38 -22.95 -18.12
CA GLY A 25 0.02 -22.32 -19.36
C GLY A 25 -0.32 -23.01 -20.68
N ILE A 26 -1.36 -23.83 -20.70
CA ILE A 26 -1.80 -24.51 -21.92
C ILE A 26 -2.48 -23.48 -22.82
N PRO A 27 -1.98 -23.27 -24.06
CA PRO A 27 -2.63 -22.28 -24.93
C PRO A 27 -3.94 -22.83 -25.48
N PHE A 28 -5.00 -22.02 -25.50
CA PHE A 28 -6.26 -22.48 -26.05
C PHE A 28 -6.72 -21.73 -27.31
N ALA A 29 -6.03 -20.65 -27.63
CA ALA A 29 -6.37 -19.88 -28.81
C ALA A 29 -5.08 -19.40 -29.45
N GLU A 30 -5.19 -18.92 -30.69
CA GLU A 30 -4.04 -18.39 -31.41
C GLU A 30 -3.78 -17.02 -30.82
N PRO A 31 -2.50 -16.62 -30.69
CA PRO A 31 -2.17 -15.31 -30.12
C PRO A 31 -2.96 -14.21 -30.83
N PRO A 32 -3.78 -13.45 -30.07
CA PRO A 32 -4.61 -12.37 -30.64
C PRO A 32 -3.74 -11.13 -30.85
N VAL A 33 -2.65 -11.32 -31.56
CA VAL A 33 -1.70 -10.26 -31.79
C VAL A 33 -1.81 -9.63 -33.19
N GLY A 34 -1.24 -8.43 -33.36
CA GLY A 34 -1.26 -7.75 -34.64
C GLY A 34 -2.63 -7.58 -35.26
N ASN A 35 -2.83 -8.22 -36.42
CA ASN A 35 -4.11 -8.10 -37.11
C ASN A 35 -5.27 -8.88 -36.49
N LEU A 36 -5.00 -9.62 -35.42
CA LEU A 36 -6.04 -10.36 -34.71
C LEU A 36 -6.49 -9.60 -33.46
N ARG A 37 -5.87 -8.44 -33.23
CA ARG A 37 -6.23 -7.59 -32.10
C ARG A 37 -7.70 -7.21 -32.16
N PHE A 38 -8.34 -7.16 -30.99
CA PHE A 38 -9.75 -6.82 -30.82
C PHE A 38 -10.73 -7.80 -31.48
N LYS A 39 -10.21 -8.82 -32.14
CA LYS A 39 -11.07 -9.76 -32.82
C LYS A 39 -11.41 -10.98 -32.00
N ASP A 40 -12.44 -11.71 -32.43
CA ASP A 40 -12.83 -12.93 -31.72
C ASP A 40 -11.59 -13.83 -31.71
N PRO A 41 -11.45 -14.65 -30.66
CA PRO A 41 -10.28 -15.53 -30.57
C PRO A 41 -10.43 -16.69 -31.56
N VAL A 42 -9.28 -17.24 -31.95
CA VAL A 42 -9.23 -18.33 -32.91
C VAL A 42 -8.70 -19.55 -32.18
N PRO A 43 -9.41 -20.67 -32.25
CA PRO A 43 -8.97 -21.88 -31.57
C PRO A 43 -7.52 -22.20 -31.95
N TYR A 44 -6.76 -22.71 -30.99
CA TYR A 44 -5.37 -23.06 -31.19
C TYR A 44 -5.39 -24.30 -32.07
N SER A 45 -4.52 -24.35 -33.06
CA SER A 45 -4.48 -25.48 -33.98
C SER A 45 -3.19 -26.33 -33.96
N GLY A 46 -2.12 -25.81 -33.38
CA GLY A 46 -0.87 -26.55 -33.32
C GLY A 46 -0.93 -27.81 -32.47
N SER A 47 0.20 -28.49 -32.37
CA SER A 47 0.31 -29.72 -31.57
C SER A 47 1.13 -29.45 -30.33
N LEU A 48 0.63 -29.91 -29.19
CA LEU A 48 1.30 -29.74 -27.92
C LEU A 48 1.95 -31.05 -27.45
N ASN A 49 1.80 -32.12 -28.22
CA ASN A 49 2.37 -33.41 -27.85
C ASN A 49 3.84 -33.34 -27.41
N GLY A 50 4.09 -33.90 -26.22
CA GLY A 50 5.42 -33.92 -25.66
C GLY A 50 5.83 -32.68 -24.87
N GLN A 51 5.04 -31.62 -24.90
CA GLN A 51 5.37 -30.41 -24.17
C GLN A 51 4.98 -30.46 -22.71
N LYS A 52 5.74 -29.72 -21.89
CA LYS A 52 5.48 -29.66 -20.45
C LYS A 52 4.88 -28.33 -20.00
N PHE A 53 3.86 -28.40 -19.16
CA PHE A 53 3.19 -27.20 -18.68
C PHE A 53 3.28 -27.07 -17.16
N THR A 54 4.40 -26.48 -16.73
CA THR A 54 4.71 -26.36 -15.31
C THR A 54 4.71 -24.97 -14.67
N SER A 55 4.32 -23.93 -15.41
CA SER A 55 4.27 -22.58 -14.87
C SER A 55 3.22 -21.69 -15.54
N TYR A 56 2.72 -20.72 -14.79
CA TYR A 56 1.72 -19.78 -15.29
C TYR A 56 2.30 -18.91 -16.39
N GLY A 57 1.54 -18.76 -17.48
CA GLY A 57 1.99 -17.91 -18.56
C GLY A 57 1.82 -16.45 -18.16
N PRO A 58 2.17 -15.50 -19.03
CA PRO A 58 2.00 -14.11 -18.64
C PRO A 58 0.53 -13.70 -18.68
N SER A 59 0.20 -12.65 -17.96
CA SER A 59 -1.17 -12.13 -17.95
C SER A 59 -1.35 -11.32 -19.24
N CYS A 60 -2.58 -11.12 -19.67
CA CYS A 60 -2.85 -10.30 -20.84
C CYS A 60 -2.39 -8.91 -20.35
N MET A 61 -2.31 -7.94 -21.26
CA MET A 61 -1.90 -6.60 -20.89
C MET A 61 -2.81 -5.99 -19.82
N GLN A 62 -2.22 -5.21 -18.92
CA GLN A 62 -2.95 -4.63 -17.82
C GLN A 62 -3.05 -3.12 -17.88
N GLN A 63 -4.22 -2.57 -17.56
CA GLN A 63 -4.39 -1.13 -17.55
C GLN A 63 -4.08 -0.62 -16.14
N ASN A 64 -3.39 0.51 -16.06
CA ASN A 64 -3.07 1.17 -14.79
C ASN A 64 -4.42 1.61 -14.18
N PRO A 65 -4.78 1.13 -12.97
CA PRO A 65 -6.05 1.50 -12.30
C PRO A 65 -6.20 2.99 -12.03
N GLU A 66 -5.08 3.70 -11.96
CA GLU A 66 -5.10 5.15 -11.76
C GLU A 66 -5.03 5.89 -13.10
N GLY A 67 -5.11 5.12 -14.18
CA GLY A 67 -5.06 5.68 -15.51
C GLY A 67 -6.16 6.70 -15.74
N THR A 68 -5.84 7.73 -16.52
CA THR A 68 -6.76 8.81 -16.85
C THR A 68 -6.07 9.73 -17.83
N PHE A 69 -6.85 10.56 -18.52
CA PHE A 69 -6.31 11.52 -19.48
C PHE A 69 -5.71 12.73 -18.74
N GLU A 70 -6.08 12.91 -17.48
CA GLU A 70 -5.58 14.02 -16.67
C GLU A 70 -4.24 13.56 -16.16
N GLU A 71 -3.42 14.50 -15.72
CA GLU A 71 -2.13 14.11 -15.19
C GLU A 71 -2.18 14.15 -13.68
N ASN A 72 -1.77 13.05 -13.07
CA ASN A 72 -1.75 12.99 -11.62
C ASN A 72 -0.69 12.02 -11.12
N LEU A 73 -0.27 12.25 -9.88
CA LEU A 73 0.76 11.45 -9.24
C LEU A 73 0.37 10.01 -9.01
N GLY A 74 -0.93 9.74 -8.82
CA GLY A 74 -1.36 8.38 -8.63
C GLY A 74 -1.11 7.56 -9.89
N LYS A 75 -1.43 8.17 -11.02
CA LYS A 75 -1.25 7.53 -12.31
C LYS A 75 0.22 7.24 -12.53
N THR A 76 1.03 8.29 -12.38
CA THR A 76 2.47 8.22 -12.57
C THR A 76 3.13 7.17 -11.68
N ALA A 77 2.93 7.29 -10.38
CA ALA A 77 3.49 6.36 -9.41
C ALA A 77 3.16 4.93 -9.81
N LEU A 78 1.90 4.69 -10.12
CA LEU A 78 1.48 3.36 -10.49
C LEU A 78 2.19 2.86 -11.74
N ASP A 79 2.45 3.76 -12.68
CA ASP A 79 3.13 3.40 -13.93
C ASP A 79 4.58 2.98 -13.64
N LEU A 80 5.19 3.67 -12.68
CA LEU A 80 6.56 3.39 -12.30
C LEU A 80 6.69 1.99 -11.72
N VAL A 81 5.70 1.58 -10.95
CA VAL A 81 5.71 0.25 -10.34
C VAL A 81 5.45 -0.89 -11.33
N MET A 82 4.42 -0.72 -12.16
CA MET A 82 4.04 -1.74 -13.15
C MET A 82 5.06 -1.93 -14.28
N GLN A 83 5.73 -0.85 -14.61
CA GLN A 83 6.73 -0.83 -15.67
C GLN A 83 8.15 -1.21 -15.18
N SER A 84 8.34 -1.29 -13.86
CA SER A 84 9.63 -1.64 -13.28
C SER A 84 9.97 -3.09 -13.59
N LYS A 85 11.27 -3.37 -13.74
CA LYS A 85 11.74 -4.71 -14.07
C LYS A 85 11.45 -5.80 -13.03
N VAL A 86 11.49 -5.43 -11.75
CA VAL A 86 11.21 -6.40 -10.70
C VAL A 86 9.76 -6.85 -10.80
N PHE A 87 8.89 -5.89 -11.07
CA PHE A 87 7.46 -6.16 -11.22
C PHE A 87 7.23 -7.01 -12.48
N GLN A 88 7.92 -6.65 -13.55
CA GLN A 88 7.80 -7.36 -14.80
C GLN A 88 8.44 -8.75 -14.71
N ALA A 89 9.28 -8.95 -13.69
CA ALA A 89 9.91 -10.25 -13.48
C ALA A 89 8.95 -11.15 -12.69
N VAL A 90 8.19 -10.55 -11.79
CA VAL A 90 7.23 -11.28 -10.95
C VAL A 90 5.92 -11.55 -11.68
N LEU A 91 5.31 -10.48 -12.19
CA LEU A 91 4.06 -10.61 -12.91
C LEU A 91 4.20 -10.13 -14.35
N PRO A 92 4.72 -11.01 -15.23
CA PRO A 92 4.90 -10.67 -16.64
C PRO A 92 3.58 -10.57 -17.44
N GLN A 93 3.51 -9.62 -18.38
CA GLN A 93 2.31 -9.47 -19.22
C GLN A 93 2.70 -9.53 -20.70
N SER A 94 1.71 -9.83 -21.54
CA SER A 94 1.91 -9.95 -22.97
C SER A 94 0.56 -10.08 -23.66
N GLU A 95 0.50 -9.66 -24.92
CA GLU A 95 -0.72 -9.78 -25.72
C GLU A 95 -0.94 -11.25 -26.07
N ASP A 96 0.14 -12.02 -26.00
CA ASP A 96 0.11 -13.47 -26.23
C ASP A 96 -0.15 -13.98 -24.81
N CYS A 97 -1.43 -14.11 -24.48
CA CYS A 97 -1.81 -14.50 -23.13
C CYS A 97 -2.98 -15.46 -22.99
N LEU A 98 -3.55 -15.91 -24.10
CA LEU A 98 -4.68 -16.83 -24.03
C LEU A 98 -4.35 -18.29 -23.68
N THR A 99 -4.12 -18.51 -22.39
CA THR A 99 -3.79 -19.81 -21.83
C THR A 99 -4.83 -20.25 -20.81
N ILE A 100 -4.91 -21.55 -20.57
CA ILE A 100 -5.85 -22.10 -19.62
C ILE A 100 -5.06 -22.91 -18.59
N ASN A 101 -5.56 -23.00 -17.37
CA ASN A 101 -4.86 -23.73 -16.31
C ASN A 101 -5.72 -24.79 -15.64
N VAL A 102 -5.16 -25.99 -15.42
CA VAL A 102 -5.90 -27.10 -14.80
C VAL A 102 -5.17 -27.60 -13.56
N VAL A 103 -5.84 -27.60 -12.41
CA VAL A 103 -5.23 -28.09 -11.18
C VAL A 103 -6.16 -29.16 -10.61
N ARG A 104 -5.60 -30.34 -10.35
CA ARG A 104 -6.39 -31.46 -9.86
C ARG A 104 -5.83 -32.13 -8.59
N PRO A 105 -6.68 -32.90 -7.88
CA PRO A 105 -6.27 -33.60 -6.65
C PRO A 105 -5.13 -34.58 -6.99
N PRO A 106 -4.23 -34.84 -6.01
CA PRO A 106 -3.11 -35.76 -6.23
C PRO A 106 -3.60 -37.12 -6.68
N GLY A 107 -2.93 -37.73 -7.64
CA GLY A 107 -3.34 -39.05 -8.10
C GLY A 107 -4.57 -39.15 -8.98
N THR A 108 -5.06 -38.03 -9.49
CA THR A 108 -6.24 -38.09 -10.35
C THR A 108 -5.83 -38.60 -11.73
N LYS A 109 -6.73 -39.30 -12.37
CA LYS A 109 -6.47 -39.85 -13.69
C LYS A 109 -7.71 -39.65 -14.53
N ALA A 110 -7.55 -39.72 -15.85
CA ALA A 110 -8.68 -39.57 -16.76
C ALA A 110 -9.68 -40.65 -16.38
N GLY A 111 -10.97 -40.30 -16.39
CA GLY A 111 -11.99 -41.26 -16.04
C GLY A 111 -12.48 -41.12 -14.60
N ALA A 112 -11.84 -40.21 -13.86
CA ALA A 112 -12.25 -39.94 -12.49
C ALA A 112 -13.65 -39.33 -12.58
N ASN A 113 -13.87 -38.52 -13.62
CA ASN A 113 -15.15 -37.87 -13.82
C ASN A 113 -15.53 -37.00 -12.64
N LEU A 114 -14.59 -36.17 -12.20
CA LEU A 114 -14.81 -35.27 -11.07
C LEU A 114 -15.49 -33.99 -11.51
N PRO A 115 -16.28 -33.35 -10.63
CA PRO A 115 -16.91 -32.10 -11.04
C PRO A 115 -15.78 -31.09 -11.30
N VAL A 116 -16.07 -30.09 -12.13
CA VAL A 116 -15.12 -29.07 -12.50
C VAL A 116 -15.60 -27.72 -12.07
N MET A 117 -14.72 -26.93 -11.47
CA MET A 117 -15.07 -25.58 -11.07
C MET A 117 -14.19 -24.70 -11.96
N LEU A 118 -14.83 -23.96 -12.86
CA LEU A 118 -14.12 -23.08 -13.78
C LEU A 118 -14.14 -21.65 -13.25
N TRP A 119 -12.99 -21.20 -12.79
CA TRP A 119 -12.81 -19.86 -12.22
C TRP A 119 -12.59 -18.77 -13.28
N ILE A 120 -13.29 -17.65 -13.13
CA ILE A 120 -13.15 -16.49 -14.02
C ILE A 120 -12.74 -15.32 -13.12
N PHE A 121 -11.47 -14.93 -13.22
CA PHE A 121 -10.94 -13.84 -12.41
C PHE A 121 -11.66 -12.52 -12.64
N GLY A 122 -11.55 -11.62 -11.66
CA GLY A 122 -12.17 -10.32 -11.78
C GLY A 122 -11.08 -9.26 -11.68
N GLY A 123 -11.42 -8.03 -12.03
CA GLY A 123 -10.45 -6.97 -11.96
C GLY A 123 -10.89 -5.71 -12.68
N GLY A 124 -12.18 -5.42 -12.64
CA GLY A 124 -12.72 -4.23 -13.28
C GLY A 124 -12.72 -4.32 -14.79
N PHE A 125 -12.53 -5.55 -15.31
CA PHE A 125 -12.44 -5.84 -16.75
C PHE A 125 -11.24 -5.08 -17.28
N GLU A 126 -10.28 -4.77 -16.40
CA GLU A 126 -9.10 -3.98 -16.76
C GLU A 126 -7.75 -4.53 -16.30
N ILE A 127 -7.77 -5.33 -15.24
CA ILE A 127 -6.55 -5.93 -14.69
C ILE A 127 -6.87 -7.36 -14.24
N GLY A 128 -5.82 -8.08 -13.80
CA GLY A 128 -5.97 -9.44 -13.31
C GLY A 128 -5.49 -10.56 -14.23
N SER A 129 -5.35 -11.75 -13.63
CA SER A 129 -4.94 -12.98 -14.31
C SER A 129 -5.14 -14.11 -13.31
N PRO A 130 -5.20 -15.37 -13.79
CA PRO A 130 -5.38 -16.56 -12.95
C PRO A 130 -4.23 -16.82 -11.98
N THR A 131 -3.11 -16.16 -12.19
CA THR A 131 -1.94 -16.36 -11.36
C THR A 131 -2.11 -15.91 -9.91
N ILE A 132 -2.88 -14.84 -9.67
CA ILE A 132 -3.05 -14.32 -8.31
C ILE A 132 -4.22 -14.90 -7.50
N PHE A 133 -4.82 -15.97 -8.00
CA PHE A 133 -5.96 -16.63 -7.34
C PHE A 133 -5.62 -18.11 -7.20
N PRO A 134 -4.66 -18.42 -6.31
CA PRO A 134 -4.21 -19.79 -6.05
C PRO A 134 -5.35 -20.76 -5.70
N PRO A 135 -5.47 -21.87 -6.44
CA PRO A 135 -6.51 -22.89 -6.25
C PRO A 135 -6.18 -23.99 -5.23
N ALA A 136 -5.01 -23.95 -4.60
CA ALA A 136 -4.63 -25.00 -3.64
C ALA A 136 -5.63 -25.19 -2.48
N GLN A 137 -6.07 -24.09 -1.87
CA GLN A 137 -7.03 -24.12 -0.76
C GLN A 137 -8.32 -24.80 -1.14
N MET A 138 -8.86 -24.45 -2.30
CA MET A 138 -10.09 -25.04 -2.80
C MET A 138 -9.91 -26.51 -3.12
N VAL A 139 -8.77 -26.87 -3.69
CA VAL A 139 -8.51 -28.25 -4.07
C VAL A 139 -8.28 -29.14 -2.84
N THR A 140 -7.51 -28.63 -1.88
CA THR A 140 -7.22 -29.38 -0.66
C THR A 140 -8.50 -29.63 0.11
N LYS A 141 -9.32 -28.59 0.23
CA LYS A 141 -10.59 -28.70 0.92
C LYS A 141 -11.51 -29.76 0.31
N SER A 142 -11.67 -29.76 -1.02
CA SER A 142 -12.53 -30.74 -1.66
C SER A 142 -12.06 -32.17 -1.37
N VAL A 143 -10.76 -32.37 -1.22
CA VAL A 143 -10.23 -33.69 -0.93
C VAL A 143 -10.60 -34.07 0.50
N LEU A 144 -10.39 -33.11 1.42
CA LEU A 144 -10.69 -33.31 2.83
C LEU A 144 -12.15 -33.59 3.05
N MET A 145 -13.04 -32.95 2.27
CA MET A 145 -14.44 -33.24 2.47
C MET A 145 -14.90 -34.46 1.71
N GLY A 146 -13.97 -35.14 1.03
CA GLY A 146 -14.31 -36.33 0.27
C GLY A 146 -15.16 -36.01 -0.94
N LYS A 147 -15.08 -34.77 -1.40
CA LYS A 147 -15.81 -34.27 -2.60
C LYS A 147 -14.78 -33.54 -3.49
N PRO A 148 -13.78 -34.29 -4.01
CA PRO A 148 -12.74 -33.72 -4.87
C PRO A 148 -13.23 -33.07 -6.15
N ILE A 149 -12.63 -31.93 -6.48
CA ILE A 149 -13.00 -31.23 -7.68
C ILE A 149 -11.74 -30.83 -8.43
N ILE A 150 -11.91 -30.54 -9.72
CA ILE A 150 -10.82 -30.08 -10.58
C ILE A 150 -11.07 -28.59 -10.78
N HIS A 151 -10.02 -27.81 -10.56
CA HIS A 151 -10.08 -26.35 -10.69
C HIS A 151 -9.47 -25.92 -12.03
N VAL A 152 -10.25 -25.18 -12.81
CA VAL A 152 -9.81 -24.68 -14.10
C VAL A 152 -9.93 -23.17 -14.11
N ALA A 153 -8.83 -22.49 -14.42
CA ALA A 153 -8.82 -21.04 -14.51
C ALA A 153 -8.49 -20.64 -15.97
N VAL A 154 -9.36 -19.86 -16.58
CA VAL A 154 -9.17 -19.42 -17.96
C VAL A 154 -8.69 -17.96 -18.03
N ASN A 155 -7.67 -17.67 -18.83
CA ASN A 155 -7.21 -16.28 -19.00
C ASN A 155 -8.04 -15.63 -20.12
N TYR A 156 -8.25 -14.33 -20.03
CA TYR A 156 -9.03 -13.60 -21.05
C TYR A 156 -8.52 -12.17 -21.13
N ARG A 157 -8.69 -11.55 -22.29
CA ARG A 157 -8.25 -10.16 -22.52
C ARG A 157 -9.04 -9.09 -21.74
N VAL A 158 -8.32 -8.17 -21.12
CA VAL A 158 -8.93 -7.09 -20.32
C VAL A 158 -8.68 -5.71 -20.97
N ALA A 159 -9.28 -4.67 -20.40
CA ALA A 159 -9.15 -3.31 -20.89
C ALA A 159 -9.46 -3.19 -22.38
N SER A 160 -8.75 -2.29 -23.07
CA SER A 160 -8.95 -2.03 -24.50
C SER A 160 -8.80 -3.25 -25.39
N TRP A 161 -7.82 -4.09 -25.08
CA TRP A 161 -7.54 -5.30 -25.84
C TRP A 161 -8.72 -6.27 -25.82
N GLY A 162 -9.50 -6.27 -24.74
CA GLY A 162 -10.60 -7.22 -24.69
C GLY A 162 -11.97 -6.61 -24.69
N PHE A 163 -12.07 -5.32 -24.43
CA PHE A 163 -13.36 -4.65 -24.36
C PHE A 163 -13.45 -3.30 -25.05
N LEU A 164 -12.82 -3.15 -26.21
CA LEU A 164 -12.92 -1.87 -26.95
C LEU A 164 -14.30 -1.88 -27.60
N ALA A 165 -14.97 -0.73 -27.63
CA ALA A 165 -16.31 -0.63 -28.20
C ALA A 165 -16.34 0.44 -29.29
N GLY A 166 -17.52 1.05 -29.50
CA GLY A 166 -17.67 2.08 -30.52
C GLY A 166 -18.30 1.54 -31.79
N ASP A 167 -18.56 2.42 -32.77
CA ASP A 167 -19.19 2.04 -34.03
C ASP A 167 -18.38 1.12 -34.96
N ASP A 168 -17.06 1.25 -34.98
CA ASP A 168 -16.20 0.41 -35.81
C ASP A 168 -16.16 -1.04 -35.31
N ILE A 169 -16.01 -1.20 -34.00
CA ILE A 169 -15.99 -2.53 -33.40
C ILE A 169 -17.33 -3.21 -33.68
N LYS A 170 -18.39 -2.46 -33.45
CA LYS A 170 -19.76 -2.94 -33.67
C LYS A 170 -19.94 -3.37 -35.13
N ALA A 171 -19.60 -2.48 -36.06
CA ALA A 171 -19.73 -2.75 -37.49
C ALA A 171 -19.01 -4.04 -37.88
N GLU A 172 -17.80 -4.21 -37.35
CA GLU A 172 -16.97 -5.38 -37.62
C GLU A 172 -17.45 -6.65 -36.89
N GLY A 173 -18.26 -6.45 -35.84
CA GLY A 173 -18.78 -7.58 -35.08
C GLY A 173 -17.77 -8.13 -34.10
N SER A 174 -16.88 -7.27 -33.61
CA SER A 174 -15.86 -7.67 -32.68
C SER A 174 -16.06 -7.19 -31.23
N GLY A 175 -17.31 -7.10 -30.79
CA GLY A 175 -17.56 -6.67 -29.43
C GLY A 175 -17.34 -7.76 -28.37
N ASN A 176 -17.13 -7.32 -27.12
CA ASN A 176 -16.93 -8.23 -25.99
C ASN A 176 -15.93 -9.36 -26.28
N ALA A 177 -14.77 -9.01 -26.82
CA ALA A 177 -13.74 -9.99 -27.16
C ALA A 177 -13.35 -10.81 -25.94
N GLY A 178 -13.15 -10.14 -24.80
CA GLY A 178 -12.78 -10.83 -23.59
C GLY A 178 -13.77 -11.90 -23.13
N LEU A 179 -15.07 -11.69 -23.34
CA LEU A 179 -16.07 -12.70 -22.95
C LEU A 179 -16.02 -13.86 -23.94
N LYS A 180 -15.63 -13.58 -25.18
CA LYS A 180 -15.50 -14.63 -26.19
C LYS A 180 -14.28 -15.51 -25.87
N ASP A 181 -13.25 -14.93 -25.26
CA ASP A 181 -12.07 -15.72 -24.87
C ASP A 181 -12.48 -16.74 -23.79
N GLN A 182 -13.31 -16.26 -22.85
CA GLN A 182 -13.83 -17.08 -21.75
C GLN A 182 -14.72 -18.17 -22.32
N ARG A 183 -15.55 -17.80 -23.30
CA ARG A 183 -16.47 -18.76 -23.93
C ARG A 183 -15.72 -19.85 -24.70
N LEU A 184 -14.58 -19.49 -25.30
CA LEU A 184 -13.77 -20.46 -26.03
C LEU A 184 -13.11 -21.41 -25.02
N GLY A 185 -12.65 -20.85 -23.89
CA GLY A 185 -12.04 -21.64 -22.82
C GLY A 185 -13.02 -22.67 -22.31
N MET A 186 -14.30 -22.30 -22.20
CA MET A 186 -15.37 -23.22 -21.76
C MET A 186 -15.56 -24.35 -22.77
N GLN A 187 -15.45 -24.03 -24.06
CA GLN A 187 -15.57 -25.05 -25.10
C GLN A 187 -14.32 -25.95 -25.06
N TRP A 188 -13.16 -25.38 -24.73
CA TRP A 188 -11.92 -26.16 -24.64
C TRP A 188 -12.10 -27.17 -23.49
N VAL A 189 -12.75 -26.75 -22.41
CA VAL A 189 -12.99 -27.62 -21.27
C VAL A 189 -13.96 -28.75 -21.65
N ALA A 190 -15.00 -28.40 -22.39
CA ALA A 190 -15.98 -29.41 -22.81
C ALA A 190 -15.32 -30.51 -23.61
N ASP A 191 -14.35 -30.11 -24.46
CA ASP A 191 -13.64 -31.05 -25.34
C ASP A 191 -12.46 -31.77 -24.78
N ASN A 192 -11.77 -31.15 -23.83
CA ASN A 192 -10.56 -31.73 -23.30
C ASN A 192 -10.50 -32.19 -21.87
N ILE A 193 -11.41 -31.69 -21.02
CA ILE A 193 -11.34 -31.99 -19.59
C ILE A 193 -11.39 -33.44 -19.12
N ALA A 194 -12.04 -34.31 -19.90
CA ALA A 194 -12.12 -35.72 -19.53
C ALA A 194 -10.73 -36.32 -19.37
N GLY A 195 -9.82 -35.91 -20.24
CA GLY A 195 -8.46 -36.41 -20.23
C GLY A 195 -7.70 -36.08 -18.97
N PHE A 196 -8.18 -35.08 -18.24
CA PHE A 196 -7.54 -34.68 -17.00
C PHE A 196 -8.18 -35.34 -15.78
N GLY A 197 -9.27 -36.07 -16.00
CA GLY A 197 -9.98 -36.74 -14.91
C GLY A 197 -11.28 -36.03 -14.60
N GLY A 198 -11.60 -34.99 -15.36
CA GLY A 198 -12.82 -34.22 -15.14
C GLY A 198 -14.03 -34.71 -15.90
N ASP A 199 -15.22 -34.27 -15.48
CA ASP A 199 -16.44 -34.65 -16.14
C ASP A 199 -16.95 -33.37 -16.76
N PRO A 200 -16.99 -33.31 -18.10
CA PRO A 200 -17.47 -32.10 -18.79
C PRO A 200 -18.95 -31.82 -18.60
N SER A 201 -19.74 -32.79 -18.13
CA SER A 201 -21.16 -32.53 -17.90
C SER A 201 -21.36 -32.00 -16.47
N LYS A 202 -20.28 -31.92 -15.69
CA LYS A 202 -20.38 -31.42 -14.32
C LYS A 202 -19.54 -30.19 -14.08
N VAL A 203 -19.71 -29.20 -14.96
CA VAL A 203 -18.97 -27.96 -14.86
C VAL A 203 -19.80 -26.86 -14.20
N THR A 204 -19.21 -26.20 -13.19
CA THR A 204 -19.84 -25.11 -12.49
C THR A 204 -18.92 -23.92 -12.76
N ILE A 205 -19.48 -22.83 -13.27
CA ILE A 205 -18.65 -21.66 -13.53
C ILE A 205 -18.79 -20.71 -12.36
N PHE A 206 -17.68 -20.08 -11.98
CA PHE A 206 -17.75 -19.16 -10.86
C PHE A 206 -16.72 -18.06 -11.01
N GLY A 207 -17.04 -16.90 -10.45
CA GLY A 207 -16.12 -15.79 -10.51
C GLY A 207 -16.47 -14.72 -9.51
N GLU A 208 -15.54 -13.82 -9.27
CA GLU A 208 -15.76 -12.74 -8.33
C GLU A 208 -15.59 -11.39 -9.02
N SER A 209 -16.49 -10.45 -8.70
CA SER A 209 -16.48 -9.10 -9.23
C SER A 209 -16.72 -9.09 -10.75
N ALA A 210 -15.76 -8.59 -11.54
CA ALA A 210 -15.95 -8.61 -12.98
C ALA A 210 -16.12 -10.06 -13.44
N GLY A 211 -15.56 -11.00 -12.66
CA GLY A 211 -15.66 -12.42 -12.99
C GLY A 211 -17.02 -12.96 -12.70
N SER A 212 -17.69 -12.33 -11.74
CA SER A 212 -19.03 -12.68 -11.30
C SER A 212 -20.01 -12.14 -12.33
N MET A 213 -19.80 -10.90 -12.74
CA MET A 213 -20.63 -10.29 -13.78
C MET A 213 -20.44 -11.09 -15.08
N SER A 214 -19.26 -11.67 -15.27
CA SER A 214 -19.01 -12.47 -16.44
C SER A 214 -19.87 -13.71 -16.40
N VAL A 215 -20.02 -14.29 -15.19
CA VAL A 215 -20.86 -15.48 -15.04
C VAL A 215 -22.31 -15.19 -15.48
N LEU A 216 -22.83 -14.03 -15.11
CA LEU A 216 -24.17 -13.64 -15.49
C LEU A 216 -24.22 -13.47 -17.03
N CYS A 217 -23.20 -12.87 -17.61
CA CYS A 217 -23.15 -12.69 -19.06
C CYS A 217 -23.21 -14.04 -19.76
N HIS A 218 -22.63 -15.08 -19.15
CA HIS A 218 -22.68 -16.43 -19.76
C HIS A 218 -24.04 -17.12 -19.65
N LEU A 219 -24.88 -16.67 -18.71
CA LEU A 219 -26.23 -17.24 -18.54
C LEU A 219 -27.17 -16.68 -19.57
N ILE A 220 -26.94 -15.42 -19.95
CA ILE A 220 -27.79 -14.72 -20.93
C ILE A 220 -27.21 -14.70 -22.33
N TRP A 221 -26.02 -15.26 -22.48
CA TRP A 221 -25.30 -15.32 -23.75
C TRP A 221 -26.11 -16.12 -24.75
N ASN A 222 -26.20 -15.60 -25.96
CA ASN A 222 -26.95 -16.22 -27.05
C ASN A 222 -28.37 -16.48 -26.59
N ASP A 223 -28.91 -15.48 -25.90
CA ASP A 223 -30.27 -15.52 -25.35
C ASP A 223 -30.56 -16.71 -24.45
N GLY A 224 -29.53 -17.18 -23.75
CA GLY A 224 -29.73 -18.31 -22.86
C GLY A 224 -29.36 -19.66 -23.42
N ASP A 225 -28.89 -19.70 -24.66
CA ASP A 225 -28.45 -20.96 -25.23
C ASP A 225 -27.03 -21.21 -24.75
N ASN A 226 -26.84 -22.14 -23.81
CA ASN A 226 -25.51 -22.44 -23.30
C ASN A 226 -24.95 -23.76 -23.85
N THR A 227 -25.50 -24.24 -24.96
CA THR A 227 -25.03 -25.49 -25.54
C THR A 227 -23.85 -25.39 -26.48
N TYR A 228 -23.15 -26.51 -26.61
CA TYR A 228 -22.01 -26.65 -27.49
C TYR A 228 -22.08 -28.11 -27.87
N LYS A 229 -22.30 -28.39 -29.15
CA LYS A 229 -22.45 -29.75 -29.68
C LYS A 229 -23.70 -30.40 -29.09
N GLY A 230 -24.69 -29.55 -28.84
CA GLY A 230 -25.96 -29.97 -28.29
C GLY A 230 -25.98 -30.29 -26.79
N LYS A 231 -24.89 -30.00 -26.08
CA LYS A 231 -24.78 -30.28 -24.64
C LYS A 231 -24.48 -28.99 -23.86
N PRO A 232 -25.02 -28.87 -22.63
CA PRO A 232 -24.77 -27.68 -21.81
C PRO A 232 -23.29 -27.52 -21.53
N LEU A 233 -22.81 -26.29 -21.58
CA LEU A 233 -21.41 -26.00 -21.31
C LEU A 233 -21.13 -26.03 -19.81
N PHE A 234 -22.17 -25.72 -19.04
CA PHE A 234 -22.08 -25.69 -17.58
C PHE A 234 -23.46 -26.04 -17.00
N ARG A 235 -23.48 -26.60 -15.79
CA ARG A 235 -24.72 -26.98 -15.16
C ARG A 235 -25.05 -26.13 -13.94
N ALA A 236 -24.18 -25.19 -13.61
CA ALA A 236 -24.41 -24.33 -12.45
C ALA A 236 -23.46 -23.14 -12.48
N GLY A 237 -23.80 -22.11 -11.72
CA GLY A 237 -22.96 -20.93 -11.64
C GLY A 237 -22.96 -20.35 -10.24
N ILE A 238 -21.85 -19.74 -9.83
CA ILE A 238 -21.72 -19.12 -8.51
C ILE A 238 -21.22 -17.70 -8.76
N MET A 239 -21.91 -16.73 -8.20
CA MET A 239 -21.56 -15.34 -8.41
C MET A 239 -21.16 -14.61 -7.13
N GLN A 240 -19.89 -14.28 -7.00
CA GLN A 240 -19.38 -13.57 -5.83
C GLN A 240 -19.24 -12.11 -6.14
N SER A 241 -20.27 -11.35 -5.79
CA SER A 241 -20.29 -9.91 -5.98
C SER A 241 -20.40 -9.46 -7.45
N GLY A 242 -21.62 -9.33 -7.95
CA GLY A 242 -21.85 -8.90 -9.31
C GLY A 242 -22.79 -9.80 -10.10
N ALA A 243 -23.70 -9.17 -10.84
CA ALA A 243 -24.66 -9.87 -11.69
C ALA A 243 -24.72 -9.08 -12.99
N MET A 244 -25.83 -8.38 -13.27
CA MET A 244 -25.97 -7.61 -14.51
C MET A 244 -25.04 -6.42 -14.59
N VAL A 245 -24.57 -6.16 -15.81
CA VAL A 245 -23.71 -5.01 -16.07
C VAL A 245 -24.68 -3.92 -16.52
N PRO A 246 -24.72 -2.80 -15.79
CA PRO A 246 -25.62 -1.70 -16.14
C PRO A 246 -25.04 -0.85 -17.29
N SER A 247 -25.02 -1.42 -18.48
CA SER A 247 -24.40 -0.73 -19.60
C SER A 247 -25.22 -0.58 -20.87
N ASP A 248 -24.98 0.56 -21.55
CA ASP A 248 -25.60 0.84 -22.84
C ASP A 248 -24.90 -0.05 -23.87
N PRO A 249 -25.45 -0.17 -25.09
CA PRO A 249 -24.85 -1.01 -26.14
C PRO A 249 -23.43 -0.59 -26.58
N VAL A 250 -22.77 -1.49 -27.28
CA VAL A 250 -21.41 -1.27 -27.78
C VAL A 250 -21.26 0.04 -28.53
N ASP A 251 -22.27 0.41 -29.33
CA ASP A 251 -22.24 1.64 -30.09
C ASP A 251 -22.95 2.82 -29.45
N GLY A 252 -23.03 2.83 -28.12
CA GLY A 252 -23.66 3.93 -27.41
C GLY A 252 -22.71 5.10 -27.16
N THR A 253 -23.18 6.09 -26.42
CA THR A 253 -22.42 7.30 -26.13
C THR A 253 -21.02 7.13 -25.55
N TYR A 254 -20.92 6.48 -24.40
CA TYR A 254 -19.63 6.33 -23.77
C TYR A 254 -18.71 5.31 -24.45
N GLY A 255 -19.29 4.30 -25.08
CA GLY A 255 -18.49 3.32 -25.83
C GLY A 255 -17.71 4.06 -26.93
N ASN A 256 -18.38 4.96 -27.65
CA ASN A 256 -17.75 5.75 -28.70
C ASN A 256 -16.82 6.80 -28.13
N GLU A 257 -17.20 7.46 -27.01
CA GLU A 257 -16.34 8.48 -26.41
C GLU A 257 -14.98 7.91 -26.00
N ILE A 258 -14.99 6.75 -25.37
CA ILE A 258 -13.75 6.08 -24.93
C ILE A 258 -12.94 5.64 -26.15
N TYR A 259 -13.62 5.12 -27.17
CA TYR A 259 -12.99 4.69 -28.40
C TYR A 259 -12.27 5.85 -29.10
N ASP A 260 -12.95 6.99 -29.23
CA ASP A 260 -12.36 8.19 -29.83
C ASP A 260 -11.11 8.61 -29.07
N LEU A 261 -11.18 8.61 -27.74
CA LEU A 261 -10.05 9.02 -26.90
C LEU A 261 -8.89 8.02 -27.02
N PHE A 262 -9.21 6.74 -27.08
CA PHE A 262 -8.20 5.70 -27.23
C PHE A 262 -7.47 5.86 -28.58
N VAL A 263 -8.25 6.01 -29.66
CA VAL A 263 -7.70 6.17 -31.00
C VAL A 263 -6.80 7.40 -31.11
N SER A 264 -7.25 8.53 -30.55
CA SER A 264 -6.45 9.76 -30.57
C SER A 264 -5.15 9.61 -29.80
N SER A 265 -5.22 8.92 -28.65
CA SER A 265 -4.03 8.70 -27.82
C SER A 265 -3.09 7.72 -28.50
N ALA A 266 -3.65 6.82 -29.31
CA ALA A 266 -2.88 5.83 -30.05
C ALA A 266 -2.22 6.49 -31.27
N GLY A 267 -2.68 7.68 -31.62
CA GLY A 267 -2.14 8.41 -32.75
C GLY A 267 -2.78 7.99 -34.06
N CYS A 268 -4.02 7.54 -33.99
CA CYS A 268 -4.77 7.10 -35.16
C CYS A 268 -5.93 8.01 -35.48
N GLY A 269 -5.92 9.20 -34.90
CA GLY A 269 -6.98 10.17 -35.12
C GLY A 269 -7.17 10.62 -36.55
N SER A 270 -6.18 10.39 -37.39
CA SER A 270 -6.25 10.81 -38.80
C SER A 270 -6.47 9.65 -39.77
N ALA A 271 -6.41 8.42 -39.27
CA ALA A 271 -6.61 7.26 -40.13
C ALA A 271 -8.06 7.21 -40.53
N SER A 272 -8.33 6.78 -41.75
CA SER A 272 -9.71 6.69 -42.18
C SER A 272 -10.21 5.33 -41.68
N ASP A 273 -9.30 4.38 -41.58
CA ASP A 273 -9.62 3.04 -41.06
C ASP A 273 -8.84 2.95 -39.75
N LYS A 274 -9.46 3.43 -38.67
CA LYS A 274 -8.81 3.45 -37.36
C LYS A 274 -8.51 2.09 -36.78
N LEU A 275 -9.34 1.09 -37.04
CA LEU A 275 -9.06 -0.24 -36.49
C LEU A 275 -7.78 -0.81 -37.09
N ALA A 276 -7.59 -0.58 -38.38
CA ALA A 276 -6.39 -1.06 -39.06
C ALA A 276 -5.19 -0.32 -38.48
N CYS A 277 -5.36 0.97 -38.21
CA CYS A 277 -4.29 1.77 -37.63
C CYS A 277 -3.93 1.28 -36.22
N LEU A 278 -4.93 0.83 -35.45
CA LEU A 278 -4.69 0.32 -34.09
C LEU A 278 -3.97 -1.03 -34.12
N ARG A 279 -4.34 -1.85 -35.09
CA ARG A 279 -3.75 -3.18 -35.28
C ARG A 279 -2.27 -3.21 -35.66
N SER A 280 -1.74 -2.09 -36.14
CA SER A 280 -0.34 -2.06 -36.51
C SER A 280 0.50 -1.19 -35.59
N ALA A 281 -0.13 -0.59 -34.57
CA ALA A 281 0.57 0.23 -33.59
C ALA A 281 1.43 -0.72 -32.76
N SER A 282 2.48 -0.21 -32.14
CA SER A 282 3.32 -1.06 -31.34
C SER A 282 2.58 -1.37 -30.05
N SER A 283 3.06 -2.39 -29.34
CA SER A 283 2.44 -2.78 -28.07
C SER A 283 2.50 -1.69 -27.01
N ASP A 284 3.59 -0.92 -27.00
CA ASP A 284 3.74 0.14 -26.03
C ASP A 284 2.85 1.32 -26.28
N THR A 285 2.54 1.58 -27.55
CA THR A 285 1.67 2.70 -27.93
C THR A 285 0.27 2.42 -27.43
N LEU A 286 -0.20 1.19 -27.66
CA LEU A 286 -1.53 0.77 -27.23
C LEU A 286 -1.57 0.78 -25.69
N LEU A 287 -0.49 0.37 -25.05
CA LEU A 287 -0.46 0.40 -23.61
C LEU A 287 -0.56 1.81 -23.08
N ASP A 288 0.21 2.74 -23.67
CA ASP A 288 0.18 4.13 -23.22
C ASP A 288 -1.17 4.78 -23.49
N ALA A 289 -1.80 4.41 -24.60
CA ALA A 289 -3.10 4.95 -24.95
C ALA A 289 -4.13 4.49 -23.93
N THR A 290 -4.11 3.20 -23.61
CA THR A 290 -5.03 2.62 -22.64
C THR A 290 -4.90 3.31 -21.28
N ASN A 291 -3.67 3.64 -20.89
CA ASN A 291 -3.45 4.30 -19.61
C ASN A 291 -3.81 5.75 -19.62
N ASN A 292 -4.19 6.25 -20.79
CA ASN A 292 -4.61 7.61 -20.90
C ASN A 292 -6.14 7.72 -20.84
N THR A 293 -6.80 6.58 -20.68
CA THR A 293 -8.25 6.55 -20.54
C THR A 293 -8.40 6.17 -19.06
N PRO A 294 -9.50 6.58 -18.42
CA PRO A 294 -9.76 6.30 -17.00
C PRO A 294 -9.76 4.84 -16.56
N GLY A 295 -9.02 4.60 -15.46
CA GLY A 295 -8.94 3.28 -14.84
C GLY A 295 -10.03 3.23 -13.76
N PHE A 296 -10.33 2.04 -13.23
CA PHE A 296 -11.40 1.92 -12.22
C PHE A 296 -11.20 2.65 -10.89
N LEU A 297 -9.96 2.98 -10.53
CA LEU A 297 -9.71 3.70 -9.29
C LEU A 297 -9.65 5.20 -9.49
N ALA A 298 -9.76 5.64 -10.74
CA ALA A 298 -9.75 7.06 -11.04
C ALA A 298 -11.12 7.65 -10.66
N TYR A 299 -11.24 8.97 -10.77
CA TYR A 299 -12.46 9.68 -10.43
C TYR A 299 -13.70 9.11 -11.05
N SER A 300 -13.61 8.66 -12.31
CA SER A 300 -14.77 8.08 -13.01
C SER A 300 -15.28 6.85 -12.29
N SER A 301 -14.42 6.26 -11.46
CA SER A 301 -14.77 5.11 -10.66
C SER A 301 -15.48 4.00 -11.44
N LEU A 302 -16.67 3.59 -10.99
CA LEU A 302 -17.38 2.50 -11.62
C LEU A 302 -18.00 2.79 -12.99
N ARG A 303 -17.87 4.04 -13.44
CA ARG A 303 -18.33 4.39 -14.79
C ARG A 303 -17.13 3.94 -15.63
N LEU A 304 -17.04 2.63 -15.82
CA LEU A 304 -15.94 1.97 -16.51
C LEU A 304 -15.69 2.29 -17.98
N SER A 305 -14.41 2.37 -18.35
CA SER A 305 -14.00 2.63 -19.72
C SER A 305 -14.13 1.33 -20.51
N TYR A 306 -13.85 0.21 -19.85
CA TYR A 306 -13.92 -1.10 -20.48
C TYR A 306 -14.81 -2.04 -19.64
N LEU A 307 -15.87 -2.56 -20.26
CA LEU A 307 -16.82 -3.48 -19.61
C LEU A 307 -17.70 -4.11 -20.67
N PRO A 308 -18.38 -5.22 -20.34
CA PRO A 308 -19.26 -5.87 -21.32
C PRO A 308 -20.43 -4.93 -21.65
N ARG A 309 -20.89 -4.96 -22.91
CA ARG A 309 -21.98 -4.12 -23.39
C ARG A 309 -22.79 -4.94 -24.38
N PRO A 310 -24.12 -4.75 -24.41
CA PRO A 310 -24.97 -5.49 -25.35
C PRO A 310 -24.47 -5.15 -26.77
N ASP A 311 -24.29 -6.16 -27.62
CA ASP A 311 -23.80 -5.95 -28.97
C ASP A 311 -24.82 -6.32 -30.03
N GLY A 312 -26.01 -6.73 -29.59
CA GLY A 312 -27.04 -7.11 -30.52
C GLY A 312 -26.86 -8.49 -31.14
N LYS A 313 -25.76 -9.16 -30.84
CA LYS A 313 -25.53 -10.49 -31.38
C LYS A 313 -25.44 -11.56 -30.31
N ASN A 314 -24.43 -11.45 -29.46
CA ASN A 314 -24.24 -12.43 -28.39
C ASN A 314 -24.92 -12.01 -27.10
N ILE A 315 -24.96 -10.70 -26.86
CA ILE A 315 -25.66 -10.13 -25.71
C ILE A 315 -26.66 -9.25 -26.48
N THR A 316 -27.80 -9.85 -26.78
CA THR A 316 -28.79 -9.19 -27.59
C THR A 316 -29.48 -7.95 -27.10
N ASP A 317 -29.34 -7.60 -25.83
CA ASP A 317 -30.06 -6.44 -25.34
C ASP A 317 -29.67 -6.16 -23.91
N ASP A 318 -30.22 -5.06 -23.41
CA ASP A 318 -30.14 -4.56 -22.03
C ASP A 318 -30.18 -5.80 -21.13
N MET A 319 -29.12 -6.03 -20.35
CA MET A 319 -29.02 -7.22 -19.48
C MET A 319 -30.11 -7.38 -18.43
N TYR A 320 -30.59 -6.26 -17.89
CA TYR A 320 -31.69 -6.29 -16.91
C TYR A 320 -32.94 -6.80 -17.63
N LYS A 321 -33.16 -6.29 -18.83
CA LYS A 321 -34.30 -6.67 -19.65
C LYS A 321 -34.25 -8.14 -20.06
N LEU A 322 -33.07 -8.63 -20.36
CA LEU A 322 -32.93 -10.03 -20.73
C LEU A 322 -33.32 -10.96 -19.56
N VAL A 323 -32.94 -10.57 -18.33
CA VAL A 323 -33.25 -11.35 -17.12
C VAL A 323 -34.75 -11.24 -16.85
N ARG A 324 -35.28 -10.05 -17.06
CA ARG A 324 -36.70 -9.79 -16.90
C ARG A 324 -37.50 -10.63 -17.93
N ASP A 325 -36.98 -10.75 -19.16
CA ASP A 325 -37.67 -11.49 -20.23
C ASP A 325 -37.52 -13.00 -20.25
N GLY A 326 -36.76 -13.56 -19.32
CA GLY A 326 -36.57 -15.01 -19.26
C GLY A 326 -35.53 -15.60 -20.20
N LYS A 327 -34.67 -14.75 -20.75
CA LYS A 327 -33.64 -15.19 -21.70
C LYS A 327 -32.31 -15.58 -21.06
N TYR A 328 -32.35 -16.67 -20.30
CA TYR A 328 -31.18 -17.16 -19.58
C TYR A 328 -31.13 -18.66 -19.57
N ALA A 329 -29.97 -19.19 -19.23
CA ALA A 329 -29.79 -20.64 -19.14
C ALA A 329 -30.49 -21.12 -17.86
N SER A 330 -31.06 -22.31 -17.91
CA SER A 330 -31.75 -22.88 -16.77
C SER A 330 -30.83 -23.70 -15.90
N VAL A 331 -30.15 -23.02 -14.99
CA VAL A 331 -29.24 -23.68 -14.08
C VAL A 331 -29.43 -23.13 -12.67
N PRO A 332 -29.17 -23.95 -11.62
CA PRO A 332 -29.30 -23.50 -10.24
C PRO A 332 -28.14 -22.48 -10.03
N VAL A 333 -28.32 -21.55 -9.11
CA VAL A 333 -27.34 -20.49 -8.91
C VAL A 333 -27.14 -20.08 -7.43
N ILE A 334 -25.91 -19.66 -7.09
CA ILE A 334 -25.57 -19.11 -5.77
C ILE A 334 -25.00 -17.72 -6.10
N ILE A 335 -25.54 -16.68 -5.49
CA ILE A 335 -25.08 -15.32 -5.70
C ILE A 335 -25.09 -14.62 -4.34
N GLY A 336 -24.04 -13.85 -4.07
CA GLY A 336 -23.97 -13.17 -2.80
C GLY A 336 -23.19 -11.90 -2.89
N ASP A 337 -22.97 -11.28 -1.73
CA ASP A 337 -22.26 -10.02 -1.66
C ASP A 337 -21.53 -9.85 -0.34
N GLN A 338 -20.66 -8.84 -0.33
CA GLN A 338 -19.93 -8.45 0.85
C GLN A 338 -20.74 -7.22 1.28
N ASN A 339 -20.93 -7.05 2.58
CA ASN A 339 -21.72 -5.95 3.13
C ASN A 339 -21.37 -4.56 2.60
N ASP A 340 -20.08 -4.26 2.54
CA ASP A 340 -19.63 -2.93 2.12
C ASP A 340 -18.88 -2.89 0.78
N GLU A 341 -19.55 -3.35 -0.28
CA GLU A 341 -18.98 -3.42 -1.64
C GLU A 341 -18.39 -2.11 -2.12
N GLY A 342 -19.12 -1.03 -1.86
CA GLY A 342 -18.72 0.28 -2.32
C GLY A 342 -17.63 1.10 -1.70
N THR A 343 -17.13 0.73 -0.53
CA THR A 343 -16.11 1.53 0.13
C THR A 343 -14.81 1.86 -0.61
N VAL A 344 -14.25 0.90 -1.37
CA VAL A 344 -13.01 1.15 -2.12
C VAL A 344 -13.23 2.14 -3.27
N PHE A 345 -14.40 2.07 -3.88
CA PHE A 345 -14.76 2.95 -4.99
C PHE A 345 -15.14 4.34 -4.50
N GLY A 346 -15.58 4.43 -3.26
CA GLY A 346 -15.93 5.74 -2.71
C GLY A 346 -14.68 6.55 -2.43
N LEU A 347 -13.53 5.89 -2.42
CA LEU A 347 -12.24 6.55 -2.18
C LEU A 347 -11.72 7.35 -3.38
N SER A 348 -12.36 7.18 -4.53
CA SER A 348 -12.04 7.85 -5.78
C SER A 348 -12.64 9.24 -5.93
N SER A 349 -13.60 9.60 -5.07
CA SER A 349 -14.26 10.90 -5.14
C SER A 349 -14.21 11.68 -3.83
N LEU A 350 -13.13 11.57 -3.07
CA LEU A 350 -13.04 12.26 -1.78
C LEU A 350 -13.00 13.78 -1.87
N ASN A 351 -13.07 14.31 -3.09
CA ASN A 351 -13.10 15.76 -3.28
C ASN A 351 -14.56 16.23 -3.44
N VAL A 352 -15.47 15.26 -3.47
CA VAL A 352 -16.89 15.54 -3.54
C VAL A 352 -17.28 15.61 -2.06
N THR A 353 -17.55 16.81 -1.57
CA THR A 353 -17.84 16.98 -0.17
C THR A 353 -19.18 17.63 0.19
N THR A 354 -19.80 18.35 -0.75
CA THR A 354 -21.09 19.01 -0.48
C THR A 354 -22.22 18.26 -1.18
N ASN A 355 -23.46 18.52 -0.79
CA ASN A 355 -24.60 17.84 -1.40
C ASN A 355 -24.73 18.22 -2.87
N ALA A 356 -24.40 19.47 -3.17
CA ALA A 356 -24.44 20.01 -4.53
C ALA A 356 -23.41 19.28 -5.37
N GLN A 357 -22.24 19.07 -4.80
CA GLN A 357 -21.19 18.37 -5.49
C GLN A 357 -21.59 16.91 -5.72
N ALA A 358 -22.15 16.27 -4.72
CA ALA A 358 -22.59 14.89 -4.87
C ALA A 358 -23.64 14.78 -5.96
N ARG A 359 -24.51 15.79 -6.06
CA ARG A 359 -25.56 15.76 -7.06
C ARG A 359 -24.95 15.84 -8.46
N ALA A 360 -23.97 16.72 -8.63
CA ALA A 360 -23.29 16.92 -9.91
C ALA A 360 -22.53 15.67 -10.34
N TYR A 361 -21.90 14.99 -9.39
CA TYR A 361 -21.16 13.77 -9.66
C TYR A 361 -22.08 12.67 -10.18
N PHE A 362 -23.24 12.52 -9.54
CA PHE A 362 -24.21 11.50 -9.95
C PHE A 362 -24.78 11.85 -11.35
N LYS A 363 -25.01 13.14 -11.57
CA LYS A 363 -25.50 13.64 -12.85
C LYS A 363 -24.50 13.28 -13.95
N GLN A 364 -23.23 13.58 -13.67
CA GLN A 364 -22.13 13.33 -14.59
C GLN A 364 -21.94 11.84 -14.90
N SER A 365 -22.17 11.00 -13.90
CA SER A 365 -22.01 9.56 -14.03
C SER A 365 -23.16 8.79 -14.71
N PHE A 366 -24.39 9.26 -14.47
CA PHE A 366 -25.60 8.63 -15.01
C PHE A 366 -26.21 9.63 -15.98
N ILE A 367 -25.75 9.58 -17.23
CA ILE A 367 -26.20 10.50 -18.27
C ILE A 367 -27.67 10.37 -18.69
N HIS A 368 -28.29 9.22 -18.44
CA HIS A 368 -29.69 9.02 -18.81
C HIS A 368 -30.71 9.28 -17.69
N ALA A 369 -30.22 9.63 -16.50
CA ALA A 369 -31.09 9.87 -15.34
C ALA A 369 -31.62 11.28 -15.33
N SER A 370 -32.90 11.43 -15.01
CA SER A 370 -33.51 12.77 -14.94
C SER A 370 -33.27 13.37 -13.56
N ASP A 371 -33.53 14.67 -13.42
CA ASP A 371 -33.34 15.38 -12.15
C ASP A 371 -34.18 14.73 -11.09
N ALA A 372 -35.41 14.42 -11.46
CA ALA A 372 -36.36 13.75 -10.59
C ALA A 372 -35.77 12.43 -10.10
N GLU A 373 -35.15 11.67 -11.00
CA GLU A 373 -34.55 10.40 -10.62
C GLU A 373 -33.35 10.61 -9.73
N ILE A 374 -32.55 11.63 -10.02
CA ILE A 374 -31.40 11.94 -9.19
C ILE A 374 -31.90 12.38 -7.81
N ASP A 375 -33.04 13.06 -7.79
CA ASP A 375 -33.65 13.51 -6.54
C ASP A 375 -34.10 12.37 -5.62
N THR A 376 -34.83 11.42 -6.19
CA THR A 376 -35.33 10.25 -5.46
C THR A 376 -34.17 9.42 -4.89
N LEU A 377 -33.08 9.35 -5.64
CA LEU A 377 -31.89 8.60 -5.26
C LEU A 377 -31.22 9.26 -4.08
N MET A 378 -31.10 10.58 -4.13
CA MET A 378 -30.45 11.30 -3.05
C MET A 378 -31.28 11.36 -1.79
N ALA A 379 -32.58 11.12 -1.95
CA ALA A 379 -33.51 11.10 -0.85
C ALA A 379 -33.41 9.70 -0.23
N ALA A 380 -33.33 8.69 -1.10
CA ALA A 380 -33.23 7.30 -0.68
C ALA A 380 -31.86 7.02 -0.03
N TYR A 381 -30.83 7.76 -0.44
CA TYR A 381 -29.48 7.62 0.13
C TYR A 381 -29.09 9.01 0.60
N PRO A 382 -29.53 9.39 1.82
CA PRO A 382 -29.29 10.68 2.48
C PRO A 382 -27.86 10.96 2.87
N GLN A 383 -27.56 12.24 3.10
CA GLN A 383 -26.23 12.66 3.49
C GLN A 383 -25.90 12.11 4.87
N ASP A 384 -26.92 11.95 5.71
CA ASP A 384 -26.78 11.41 7.07
C ASP A 384 -25.72 10.31 7.14
N ILE A 385 -24.56 10.64 7.74
CA ILE A 385 -23.42 9.73 7.87
C ILE A 385 -23.65 8.39 8.55
N THR A 386 -24.74 8.26 9.30
CA THR A 386 -25.04 7.01 10.00
C THR A 386 -25.68 5.99 9.05
N GLN A 387 -26.29 6.51 7.99
CA GLN A 387 -26.98 5.75 6.97
C GLN A 387 -26.09 5.09 5.92
N GLY A 388 -24.91 5.66 5.69
CA GLY A 388 -24.01 5.13 4.69
C GLY A 388 -23.15 3.93 5.01
N SER A 389 -22.25 3.62 4.06
CA SER A 389 -21.31 2.51 4.12
C SER A 389 -19.92 3.04 4.48
N PRO A 390 -19.17 2.32 5.36
CA PRO A 390 -19.48 1.06 6.05
C PRO A 390 -20.76 1.10 6.88
N PHE A 391 -21.69 0.21 6.54
CA PHE A 391 -22.99 0.12 7.17
C PHE A 391 -22.97 -0.21 8.68
N ASP A 392 -23.87 0.45 9.41
CA ASP A 392 -24.04 0.33 10.87
C ASP A 392 -22.81 0.75 11.67
N THR A 393 -22.18 1.85 11.27
CA THR A 393 -20.99 2.32 11.99
C THR A 393 -21.23 3.67 12.61
N GLY A 394 -22.49 4.10 12.59
CA GLY A 394 -22.84 5.37 13.18
C GLY A 394 -22.12 6.58 12.63
N ILE A 395 -21.42 7.29 13.51
CA ILE A 395 -20.69 8.50 13.14
C ILE A 395 -19.23 8.21 12.79
N PHE A 396 -18.89 6.93 12.74
CA PHE A 396 -17.53 6.53 12.41
C PHE A 396 -17.36 6.51 10.89
N ASN A 397 -16.10 6.56 10.46
CA ASN A 397 -15.75 6.46 9.05
C ASN A 397 -16.09 7.62 8.13
N ALA A 398 -16.43 8.77 8.71
CA ALA A 398 -16.80 9.93 7.91
C ALA A 398 -15.59 10.77 7.49
N ILE A 399 -14.85 10.29 6.49
CA ILE A 399 -13.66 10.98 5.97
C ILE A 399 -14.10 12.34 5.46
N THR A 400 -15.26 12.35 4.82
CA THR A 400 -15.91 13.56 4.31
C THR A 400 -17.41 13.35 4.59
N PRO A 401 -18.24 14.40 4.44
CA PRO A 401 -19.67 14.27 4.68
C PRO A 401 -20.42 13.40 3.66
N GLN A 402 -19.80 13.12 2.51
CA GLN A 402 -20.45 12.32 1.46
C GLN A 402 -19.87 10.94 1.20
N PHE A 403 -18.67 10.67 1.69
CA PHE A 403 -18.04 9.38 1.46
C PHE A 403 -18.94 8.17 1.70
N LYS A 404 -19.54 8.07 2.87
CA LYS A 404 -20.37 6.92 3.22
C LYS A 404 -21.59 6.85 2.32
N ARG A 405 -22.08 8.02 1.92
CA ARG A 405 -23.23 8.12 1.03
C ARG A 405 -22.90 7.61 -0.38
N ILE A 406 -21.79 8.10 -0.92
CA ILE A 406 -21.34 7.70 -2.25
C ILE A 406 -21.02 6.22 -2.30
N SER A 407 -20.42 5.71 -1.21
CA SER A 407 -20.08 4.30 -1.10
C SER A 407 -21.32 3.42 -1.12
N ALA A 408 -22.37 3.86 -0.42
CA ALA A 408 -23.61 3.11 -0.35
C ALA A 408 -24.28 2.97 -1.73
N VAL A 409 -24.42 4.09 -2.44
CA VAL A 409 -25.01 4.10 -3.78
C VAL A 409 -24.27 3.21 -4.78
N LEU A 410 -22.95 3.37 -4.87
CA LEU A 410 -22.15 2.58 -5.81
C LEU A 410 -22.21 1.10 -5.55
N GLY A 411 -22.07 0.72 -4.29
CA GLY A 411 -22.15 -0.70 -3.93
C GLY A 411 -23.52 -1.32 -4.18
N ASP A 412 -24.59 -0.53 -4.04
CA ASP A 412 -25.95 -1.06 -4.25
C ASP A 412 -26.30 -1.20 -5.72
N LEU A 413 -26.03 -0.15 -6.47
CA LEU A 413 -26.29 -0.09 -7.90
C LEU A 413 -25.47 -1.11 -8.67
N ALA A 414 -24.19 -1.25 -8.31
CA ALA A 414 -23.31 -2.16 -9.02
C ALA A 414 -23.36 -3.61 -8.60
N PHE A 415 -23.56 -3.86 -7.31
CA PHE A 415 -23.55 -5.23 -6.81
C PHE A 415 -24.74 -5.73 -6.00
N ILE A 416 -25.03 -5.05 -4.89
CA ILE A 416 -26.06 -5.46 -3.93
C ILE A 416 -27.54 -5.49 -4.36
N HIS A 417 -28.06 -4.40 -4.91
CA HIS A 417 -29.46 -4.43 -5.34
C HIS A 417 -29.60 -5.04 -6.72
N ALA A 418 -28.49 -5.12 -7.45
CA ALA A 418 -28.48 -5.75 -8.78
C ALA A 418 -28.70 -7.22 -8.50
N ARG A 419 -28.11 -7.71 -7.41
CA ARG A 419 -28.27 -9.11 -7.00
C ARG A 419 -29.73 -9.37 -6.65
N ARG A 420 -30.34 -8.45 -5.89
CA ARG A 420 -31.74 -8.60 -5.50
C ARG A 420 -32.65 -8.62 -6.73
N TYR A 421 -32.38 -7.74 -7.68
CA TYR A 421 -33.14 -7.67 -8.92
C TYR A 421 -33.07 -9.00 -9.64
N PHE A 422 -31.85 -9.56 -9.71
CA PHE A 422 -31.63 -10.83 -10.38
C PHE A 422 -32.45 -11.94 -9.72
N LEU A 423 -32.36 -12.04 -8.40
CA LEU A 423 -33.05 -13.08 -7.63
C LEU A 423 -34.57 -13.00 -7.69
N ASN A 424 -35.10 -11.79 -7.87
CA ASN A 424 -36.53 -11.61 -7.97
C ASN A 424 -37.09 -11.97 -9.33
N HIS A 425 -36.22 -12.02 -10.34
CA HIS A 425 -36.66 -12.33 -11.71
C HIS A 425 -36.16 -13.62 -12.28
N PHE A 426 -35.03 -14.13 -11.78
CA PHE A 426 -34.49 -15.35 -12.31
C PHE A 426 -35.29 -16.55 -11.80
N GLN A 427 -35.85 -17.31 -12.74
CA GLN A 427 -36.64 -18.49 -12.43
C GLN A 427 -36.05 -19.72 -13.16
N GLY A 428 -34.78 -19.62 -13.58
CA GLY A 428 -34.15 -20.73 -14.28
C GLY A 428 -33.72 -21.91 -13.44
N GLY A 429 -33.67 -21.71 -12.13
CA GLY A 429 -33.25 -22.79 -11.24
C GLY A 429 -33.26 -22.36 -9.79
N THR A 430 -32.86 -23.28 -8.92
CA THR A 430 -32.82 -23.02 -7.50
C THR A 430 -31.81 -21.92 -7.21
N LYS A 431 -32.19 -21.02 -6.32
CA LYS A 431 -31.33 -19.90 -5.94
C LYS A 431 -30.96 -19.92 -4.48
N TYR A 432 -29.71 -19.58 -4.19
CA TYR A 432 -29.19 -19.48 -2.83
C TYR A 432 -28.44 -18.17 -2.80
N SER A 433 -28.55 -17.43 -1.71
CA SER A 433 -27.88 -16.15 -1.63
C SER A 433 -27.22 -15.97 -0.27
N PHE A 434 -26.11 -15.22 -0.22
CA PHE A 434 -25.41 -14.98 1.01
C PHE A 434 -25.04 -13.52 1.12
N LEU A 435 -24.83 -13.07 2.34
CA LEU A 435 -24.39 -11.69 2.60
C LEU A 435 -23.35 -11.75 3.72
N SER A 436 -22.14 -11.31 3.45
CA SER A 436 -21.10 -11.39 4.45
C SER A 436 -20.89 -10.11 5.24
N LYS A 437 -20.72 -10.27 6.55
CA LYS A 437 -20.44 -9.17 7.46
C LYS A 437 -19.26 -9.60 8.32
N GLN A 438 -18.44 -10.47 7.73
CA GLN A 438 -17.28 -11.05 8.40
C GLN A 438 -16.29 -10.05 8.96
N LEU A 439 -16.22 -8.87 8.36
CA LEU A 439 -15.25 -7.87 8.81
C LEU A 439 -15.82 -6.60 9.44
N SER A 440 -17.02 -6.66 9.98
CA SER A 440 -17.61 -5.47 10.62
C SER A 440 -16.61 -4.94 11.63
N GLY A 441 -16.43 -3.63 11.62
CA GLY A 441 -15.49 -3.02 12.53
C GLY A 441 -14.20 -2.57 11.88
N LEU A 442 -13.88 -3.12 10.71
CA LEU A 442 -12.65 -2.70 10.01
C LEU A 442 -12.82 -1.23 9.61
N PRO A 443 -12.00 -0.32 10.18
CA PRO A 443 -12.13 1.09 9.85
C PRO A 443 -12.10 1.39 8.36
N ILE A 444 -12.92 2.36 7.97
CA ILE A 444 -13.07 2.86 6.61
C ILE A 444 -13.64 1.91 5.57
N MET A 445 -13.13 0.69 5.54
CA MET A 445 -13.52 -0.32 4.57
C MET A 445 -14.71 -1.17 4.90
N GLY A 446 -14.76 -1.63 6.15
CA GLY A 446 -15.82 -2.54 6.56
C GLY A 446 -15.57 -3.87 5.88
N THR A 447 -16.65 -4.58 5.54
CA THR A 447 -16.55 -5.87 4.87
C THR A 447 -16.49 -5.53 3.38
N PHE A 448 -15.30 -5.08 3.00
CA PHE A 448 -14.98 -4.59 1.66
C PHE A 448 -15.04 -5.52 0.47
N HIS A 449 -15.17 -4.91 -0.70
CA HIS A 449 -15.24 -5.61 -1.98
C HIS A 449 -13.99 -6.47 -2.20
N ALA A 450 -14.21 -7.75 -2.48
CA ALA A 450 -13.13 -8.71 -2.73
C ALA A 450 -12.39 -9.32 -1.53
N ASN A 451 -12.76 -8.96 -0.30
CA ASN A 451 -12.10 -9.57 0.86
C ASN A 451 -12.34 -11.09 0.82
N ASP A 452 -13.43 -11.52 0.16
CA ASP A 452 -13.70 -12.95 0.04
C ASP A 452 -12.61 -13.76 -0.66
N ILE A 453 -11.81 -13.09 -1.50
CA ILE A 453 -10.70 -13.74 -2.20
C ILE A 453 -9.67 -14.25 -1.17
N VAL A 454 -9.44 -13.45 -0.12
CA VAL A 454 -8.51 -13.82 0.96
C VAL A 454 -8.96 -15.09 1.68
N TRP A 455 -10.25 -15.16 2.01
CA TRP A 455 -10.79 -16.33 2.72
C TRP A 455 -11.00 -17.52 1.81
N GLN A 456 -11.04 -17.30 0.50
CA GLN A 456 -11.25 -18.40 -0.44
C GLN A 456 -9.95 -19.02 -0.97
N ASP A 457 -8.90 -18.22 -1.08
CA ASP A 457 -7.65 -18.67 -1.66
C ASP A 457 -6.39 -18.52 -0.82
N TYR A 458 -6.42 -17.69 0.20
CA TYR A 458 -5.21 -17.44 1.00
C TYR A 458 -5.18 -17.89 2.47
N LEU A 459 -6.23 -17.60 3.22
CA LEU A 459 -6.31 -17.94 4.63
C LEU A 459 -7.64 -18.56 4.93
N LEU A 460 -7.71 -19.24 6.07
CA LEU A 460 -8.93 -19.84 6.54
C LEU A 460 -9.56 -18.85 7.52
N GLY A 461 -10.87 -18.65 7.37
CA GLY A 461 -11.60 -17.75 8.24
C GLY A 461 -13.01 -18.30 8.32
N SER A 462 -13.88 -17.58 9.03
CA SER A 462 -15.26 -18.02 9.15
C SER A 462 -15.99 -18.10 7.80
N GLY A 463 -15.63 -17.22 6.87
CA GLY A 463 -16.28 -17.22 5.57
C GLY A 463 -15.86 -18.38 4.69
N SER A 464 -14.72 -18.98 5.01
CA SER A 464 -14.19 -20.09 4.23
C SER A 464 -15.09 -21.32 4.12
N VAL A 465 -16.02 -21.50 5.07
CA VAL A 465 -16.90 -22.66 4.96
C VAL A 465 -17.91 -22.43 3.86
N ILE A 466 -18.10 -21.16 3.49
CA ILE A 466 -19.00 -20.78 2.41
C ILE A 466 -18.21 -20.80 1.11
N TYR A 467 -17.14 -19.99 1.06
CA TYR A 467 -16.27 -19.81 -0.10
C TYR A 467 -15.58 -21.09 -0.56
N ASN A 468 -15.33 -22.01 0.35
CA ASN A 468 -14.75 -23.29 -0.05
C ASN A 468 -15.78 -24.41 0.08
N ASN A 469 -16.04 -24.87 1.31
CA ASN A 469 -16.96 -25.99 1.57
C ASN A 469 -18.32 -25.94 0.89
N ALA A 470 -19.08 -24.87 1.13
CA ALA A 470 -20.40 -24.69 0.55
C ALA A 470 -20.38 -24.68 -1.00
N PHE A 471 -19.37 -24.04 -1.57
CA PHE A 471 -19.22 -23.94 -3.04
C PHE A 471 -18.85 -25.26 -3.69
N ILE A 472 -18.01 -26.05 -3.00
CA ILE A 472 -17.61 -27.37 -3.45
C ILE A 472 -18.80 -28.34 -3.37
N ALA A 473 -19.63 -28.21 -2.33
CA ALA A 473 -20.80 -29.07 -2.16
C ALA A 473 -21.78 -28.77 -3.27
N PHE A 474 -21.94 -27.48 -3.58
CA PHE A 474 -22.83 -27.03 -4.65
C PHE A 474 -22.31 -27.54 -6.02
N ALA A 475 -21.00 -27.46 -6.24
CA ALA A 475 -20.43 -27.95 -7.49
C ALA A 475 -20.64 -29.45 -7.63
N THR A 476 -20.55 -30.16 -6.52
CA THR A 476 -20.71 -31.60 -6.52
C THR A 476 -22.15 -32.13 -6.50
N ASP A 477 -22.99 -31.52 -5.67
CA ASP A 477 -24.37 -31.99 -5.50
C ASP A 477 -25.47 -31.04 -5.91
N LEU A 478 -25.08 -29.82 -6.28
CA LEU A 478 -26.03 -28.78 -6.67
C LEU A 478 -26.84 -28.34 -5.45
N ASP A 479 -26.27 -28.57 -4.27
CA ASP A 479 -26.90 -28.20 -3.00
C ASP A 479 -25.75 -27.89 -2.05
N PRO A 480 -25.66 -26.65 -1.58
CA PRO A 480 -24.58 -26.27 -0.66
C PRO A 480 -24.71 -26.95 0.73
N ASN A 481 -25.92 -27.44 1.02
CA ASN A 481 -26.20 -28.09 2.29
C ASN A 481 -25.57 -29.45 2.50
N THR A 482 -25.06 -30.07 1.45
CA THR A 482 -24.40 -31.35 1.64
C THR A 482 -23.02 -31.12 2.24
N ALA A 483 -22.65 -29.86 2.44
CA ALA A 483 -21.35 -29.51 3.02
C ALA A 483 -21.35 -29.82 4.51
N GLY A 484 -22.55 -30.05 5.05
CA GLY A 484 -22.69 -30.38 6.47
C GLY A 484 -22.52 -29.17 7.37
N LEU A 485 -23.07 -28.05 6.92
CA LEU A 485 -22.96 -26.78 7.64
C LEU A 485 -23.72 -26.83 8.95
N LEU A 486 -23.37 -25.94 9.87
CA LEU A 486 -24.04 -25.86 11.17
C LEU A 486 -25.37 -25.11 11.07
N VAL A 487 -25.55 -24.38 9.97
CA VAL A 487 -26.77 -23.63 9.71
C VAL A 487 -27.25 -23.98 8.31
N ASN A 488 -28.49 -24.47 8.22
CA ASN A 488 -29.08 -24.84 6.92
C ASN A 488 -29.18 -23.59 6.05
N TRP A 489 -28.82 -23.75 4.78
CA TRP A 489 -28.89 -22.65 3.81
C TRP A 489 -30.24 -22.71 3.14
N PRO A 490 -31.11 -21.73 3.41
CA PRO A 490 -32.45 -21.70 2.81
C PRO A 490 -32.46 -21.28 1.33
N LYS A 491 -33.36 -21.86 0.56
CA LYS A 491 -33.48 -21.49 -0.84
C LYS A 491 -34.06 -20.10 -0.86
N TYR A 492 -33.71 -19.31 -1.87
CA TYR A 492 -34.21 -17.96 -1.98
C TYR A 492 -35.32 -18.02 -3.02
N THR A 493 -36.44 -17.36 -2.78
CA THR A 493 -37.55 -17.35 -3.74
C THR A 493 -37.85 -15.92 -4.22
N SER A 494 -37.88 -14.96 -3.30
CA SER A 494 -38.10 -13.57 -3.62
C SER A 494 -37.75 -12.78 -2.37
N SER A 495 -37.50 -11.49 -2.53
CA SER A 495 -37.13 -10.66 -1.40
C SER A 495 -38.29 -10.36 -0.47
N SER A 496 -39.50 -10.68 -0.92
CA SER A 496 -40.68 -10.45 -0.11
C SER A 496 -41.25 -11.73 0.50
N GLN A 497 -40.46 -12.79 0.51
CA GLN A 497 -40.92 -14.05 1.09
C GLN A 497 -40.99 -13.96 2.61
N SER A 498 -41.75 -14.91 3.18
CA SER A 498 -41.99 -15.03 4.61
C SER A 498 -40.80 -14.92 5.54
N GLY A 499 -40.00 -15.98 5.62
CA GLY A 499 -38.86 -15.99 6.53
C GLY A 499 -37.49 -15.62 6.00
N ASN A 500 -36.49 -16.12 6.69
CA ASN A 500 -35.09 -15.89 6.38
C ASN A 500 -34.69 -16.51 5.05
N ASN A 501 -34.13 -15.69 4.16
CA ASN A 501 -33.71 -16.17 2.83
C ASN A 501 -32.24 -15.97 2.51
N LEU A 502 -31.49 -15.40 3.46
CA LEU A 502 -30.06 -15.14 3.27
C LEU A 502 -29.16 -15.85 4.26
N MET A 503 -28.07 -16.43 3.77
CA MET A 503 -27.07 -17.05 4.63
C MET A 503 -26.18 -15.85 4.99
N MET A 504 -25.89 -15.63 6.27
CA MET A 504 -25.06 -14.50 6.66
C MET A 504 -23.79 -15.01 7.29
N ILE A 505 -22.74 -14.21 7.21
CA ILE A 505 -21.47 -14.59 7.78
C ILE A 505 -20.95 -13.47 8.66
N ASN A 506 -20.51 -13.81 9.86
CA ASN A 506 -19.89 -12.81 10.71
C ASN A 506 -18.59 -13.41 11.20
N ALA A 507 -17.86 -12.69 12.05
CA ALA A 507 -16.58 -13.16 12.54
C ALA A 507 -16.64 -14.48 13.29
N LEU A 508 -17.80 -14.76 13.87
CA LEU A 508 -18.02 -15.96 14.68
C LEU A 508 -18.57 -17.12 13.90
N GLY A 509 -19.28 -16.84 12.83
CA GLY A 509 -19.83 -17.92 12.03
C GLY A 509 -21.03 -17.54 11.19
N LEU A 510 -21.91 -18.52 11.03
CA LEU A 510 -23.11 -18.38 10.21
C LEU A 510 -24.41 -18.13 10.98
N TYR A 511 -25.35 -17.51 10.28
CA TYR A 511 -26.66 -17.23 10.82
C TYR A 511 -27.46 -16.81 9.61
N THR A 512 -28.78 -16.84 9.71
CA THR A 512 -29.56 -16.45 8.56
C THR A 512 -30.26 -15.12 8.77
N GLY A 513 -30.65 -14.50 7.67
CA GLY A 513 -31.30 -13.20 7.73
C GLY A 513 -32.20 -13.01 6.53
N LYS A 514 -32.66 -11.77 6.36
CA LYS A 514 -33.56 -11.43 5.27
C LYS A 514 -32.95 -10.37 4.36
N ASP A 515 -33.31 -10.47 3.10
CA ASP A 515 -32.88 -9.56 2.06
C ASP A 515 -33.91 -8.44 1.96
N ASN A 516 -34.13 -7.70 3.05
CA ASN A 516 -35.14 -6.65 3.05
C ASN A 516 -34.63 -5.26 3.45
N PHE A 517 -33.32 -5.11 3.46
CA PHE A 517 -32.69 -3.85 3.79
C PHE A 517 -32.68 -2.90 2.59
N ARG A 518 -32.61 -1.60 2.91
CA ARG A 518 -32.56 -0.50 1.94
C ARG A 518 -33.49 -0.62 0.75
N THR A 519 -34.76 -0.84 1.03
CA THR A 519 -35.80 -1.00 0.01
C THR A 519 -36.12 0.31 -0.72
N ALA A 520 -35.91 1.45 -0.07
CA ALA A 520 -36.14 2.74 -0.72
C ALA A 520 -35.08 2.88 -1.80
N GLY A 521 -33.84 2.50 -1.47
CA GLY A 521 -32.73 2.55 -2.39
C GLY A 521 -32.99 1.63 -3.58
N TYR A 522 -33.48 0.42 -3.30
CA TYR A 522 -33.78 -0.54 -4.34
C TYR A 522 -34.84 0.00 -5.29
N ASP A 523 -35.85 0.68 -4.75
CA ASP A 523 -36.88 1.23 -5.61
C ASP A 523 -36.38 2.44 -6.40
N ALA A 524 -35.48 3.21 -5.79
CA ALA A 524 -34.92 4.39 -6.45
C ALA A 524 -34.07 3.96 -7.64
N LEU A 525 -33.32 2.88 -7.48
CA LEU A 525 -32.44 2.36 -8.52
C LEU A 525 -33.04 1.39 -9.52
N MET A 526 -33.82 0.44 -9.03
CA MET A 526 -34.35 -0.61 -9.87
C MET A 526 -35.74 -0.45 -10.44
N THR A 527 -36.32 0.74 -10.35
CA THR A 527 -37.66 0.92 -10.93
C THR A 527 -37.53 1.00 -12.44
N ASN A 528 -36.48 1.70 -12.87
CA ASN A 528 -36.15 1.86 -14.27
C ASN A 528 -34.60 1.78 -14.31
N PRO A 529 -34.06 0.55 -14.27
CA PRO A 529 -32.61 0.29 -14.29
C PRO A 529 -31.82 1.05 -15.36
N SER A 530 -32.36 1.12 -16.57
CA SER A 530 -31.66 1.79 -17.67
C SER A 530 -31.33 3.25 -17.45
N SER A 531 -32.06 3.89 -16.55
CA SER A 531 -31.82 5.30 -16.27
C SER A 531 -30.48 5.50 -15.63
N PHE A 532 -29.93 4.41 -15.10
CA PHE A 532 -28.63 4.45 -14.44
C PHE A 532 -27.54 3.69 -15.19
N PHE A 533 -27.73 3.47 -16.50
CA PHE A 533 -26.75 2.77 -17.33
C PHE A 533 -25.55 3.66 -17.71
N VAL A 534 -24.39 3.02 -17.87
CA VAL A 534 -23.17 3.73 -18.24
C VAL A 534 -22.81 3.41 -19.71
N ALA B 1 36.14 4.79 -12.79
CA ALA B 1 37.10 5.84 -13.27
C ALA B 1 37.28 7.01 -12.27
N PRO B 2 36.20 7.48 -11.61
CA PRO B 2 36.46 8.58 -10.67
C PRO B 2 37.27 7.96 -9.54
N THR B 3 38.27 8.67 -9.03
CA THR B 3 39.02 8.10 -7.93
C THR B 3 39.18 9.08 -6.79
N ALA B 4 39.57 8.55 -5.64
CA ALA B 4 39.76 9.32 -4.42
C ALA B 4 40.76 8.59 -3.54
N LYS B 5 41.46 9.34 -2.71
CA LYS B 5 42.45 8.76 -1.83
C LYS B 5 42.04 8.86 -0.36
N LEU B 6 42.03 7.72 0.33
CA LEU B 6 41.68 7.70 1.74
C LEU B 6 42.88 8.21 2.52
N ALA B 7 42.65 8.62 3.76
CA ALA B 7 43.72 9.16 4.60
C ALA B 7 44.92 8.22 4.75
N ASN B 8 44.66 6.91 4.73
CA ASN B 8 45.73 5.94 4.88
C ASN B 8 46.57 5.79 3.62
N GLY B 9 46.19 6.55 2.59
CA GLY B 9 46.91 6.50 1.33
C GLY B 9 46.18 5.73 0.25
N ASP B 10 45.34 4.78 0.66
CA ASP B 10 44.59 3.96 -0.28
C ASP B 10 43.92 4.77 -1.34
N THR B 11 43.89 4.22 -2.55
CA THR B 11 43.24 4.89 -3.65
C THR B 11 42.08 3.96 -3.99
N ILE B 12 40.88 4.52 -4.12
CA ILE B 12 39.70 3.72 -4.45
C ILE B 12 39.02 4.30 -5.68
N THR B 13 38.20 3.50 -6.33
CA THR B 13 37.48 3.91 -7.55
C THR B 13 35.96 3.99 -7.34
N GLY B 14 35.32 4.95 -8.00
CA GLY B 14 33.90 5.10 -7.89
C GLY B 14 33.17 4.83 -9.18
N LEU B 15 31.94 5.32 -9.24
CA LEU B 15 31.07 5.17 -10.38
C LEU B 15 30.76 6.53 -10.98
N ASN B 16 30.89 6.66 -12.29
CA ASN B 16 30.55 7.92 -12.93
C ASN B 16 29.10 7.72 -13.36
N ALA B 17 28.22 8.54 -12.79
CA ALA B 17 26.79 8.47 -13.11
C ALA B 17 26.38 9.67 -13.96
N ILE B 18 27.40 10.34 -14.51
CA ILE B 18 27.28 11.51 -15.38
C ILE B 18 26.82 12.74 -14.63
N ILE B 19 25.65 12.67 -13.98
CA ILE B 19 25.11 13.79 -13.22
C ILE B 19 25.84 13.99 -11.88
N ASN B 20 26.60 12.97 -11.48
CA ASN B 20 27.39 13.01 -10.26
C ASN B 20 28.35 11.84 -10.28
N GLU B 21 29.26 11.82 -9.31
CA GLU B 21 30.21 10.73 -9.16
C GLU B 21 29.91 10.11 -7.78
N ALA B 22 29.89 8.79 -7.69
CA ALA B 22 29.55 8.16 -6.45
C ALA B 22 30.50 7.08 -5.97
N PHE B 23 30.80 7.08 -4.69
CA PHE B 23 31.63 6.06 -4.06
C PHE B 23 30.71 5.43 -3.03
N LEU B 24 30.07 4.34 -3.41
CA LEU B 24 29.10 3.65 -2.58
C LEU B 24 29.58 2.37 -1.91
N GLY B 25 29.17 2.19 -0.65
CA GLY B 25 29.50 0.97 0.09
C GLY B 25 30.85 0.86 0.74
N ILE B 26 31.46 1.98 1.13
CA ILE B 26 32.76 1.97 1.78
C ILE B 26 32.63 1.57 3.26
N PRO B 27 33.33 0.51 3.68
CA PRO B 27 33.23 0.10 5.09
C PRO B 27 34.01 1.02 6.01
N PHE B 28 33.36 1.52 7.07
CA PHE B 28 34.02 2.39 8.03
C PHE B 28 34.25 1.76 9.41
N ALA B 29 33.70 0.57 9.63
CA ALA B 29 33.86 -0.10 10.90
C ALA B 29 33.92 -1.59 10.66
N GLU B 30 34.54 -2.32 11.59
CA GLU B 30 34.60 -3.78 11.48
C GLU B 30 33.17 -4.30 11.68
N PRO B 31 32.77 -5.34 10.92
CA PRO B 31 31.42 -5.91 11.04
C PRO B 31 31.05 -6.25 12.48
N PRO B 32 29.99 -5.60 13.04
CA PRO B 32 29.46 -5.77 14.40
C PRO B 32 28.70 -7.09 14.48
N VAL B 33 29.43 -8.15 14.17
CA VAL B 33 28.92 -9.50 14.10
C VAL B 33 29.35 -10.34 15.30
N GLY B 34 28.60 -11.41 15.56
CA GLY B 34 28.89 -12.33 16.65
C GLY B 34 29.12 -11.66 18.00
N ASN B 35 30.32 -11.82 18.54
CA ASN B 35 30.69 -11.24 19.84
C ASN B 35 30.83 -9.72 19.87
N LEU B 36 30.66 -9.08 18.72
CA LEU B 36 30.74 -7.63 18.60
C LEU B 36 29.34 -7.00 18.59
N ARG B 37 28.31 -7.86 18.58
CA ARG B 37 26.92 -7.41 18.59
C ARG B 37 26.65 -6.54 19.79
N PHE B 38 25.75 -5.57 19.61
CA PHE B 38 25.33 -4.61 20.65
C PHE B 38 26.47 -3.75 21.22
N LYS B 39 27.68 -3.97 20.72
CA LYS B 39 28.84 -3.26 21.21
C LYS B 39 29.22 -2.02 20.41
N ASP B 40 30.05 -1.17 21.02
CA ASP B 40 30.55 0.02 20.35
C ASP B 40 31.18 -0.42 19.03
N PRO B 41 31.11 0.44 18.01
CA PRO B 41 31.72 0.02 16.74
C PRO B 41 33.25 0.20 16.74
N VAL B 42 33.93 -0.77 16.13
CA VAL B 42 35.39 -0.78 16.01
C VAL B 42 35.73 -0.21 14.63
N PRO B 43 36.68 0.74 14.57
CA PRO B 43 37.07 1.32 13.30
C PRO B 43 37.59 0.25 12.36
N TYR B 44 37.38 0.47 11.06
CA TYR B 44 37.84 -0.46 10.06
C TYR B 44 39.36 -0.32 9.88
N SER B 45 40.09 -1.37 10.23
CA SER B 45 41.56 -1.37 10.13
C SER B 45 42.11 -1.83 8.77
N GLY B 46 41.29 -2.57 8.02
CA GLY B 46 41.71 -3.08 6.72
C GLY B 46 42.20 -2.09 5.66
N SER B 47 42.56 -2.65 4.51
CA SER B 47 43.05 -1.89 3.37
C SER B 47 42.08 -2.03 2.19
N LEU B 48 41.67 -0.88 1.65
CA LEU B 48 40.75 -0.81 0.53
C LEU B 48 41.42 -0.46 -0.79
N ASN B 49 42.75 -0.28 -0.76
CA ASN B 49 43.50 0.08 -1.96
C ASN B 49 43.23 -0.79 -3.19
N GLY B 50 42.91 -0.11 -4.29
CA GLY B 50 42.62 -0.79 -5.53
C GLY B 50 41.21 -1.32 -5.69
N GLN B 51 40.38 -1.15 -4.66
CA GLN B 51 39.01 -1.63 -4.70
C GLN B 51 38.03 -0.62 -5.28
N LYS B 52 36.94 -1.13 -5.82
CA LYS B 52 35.89 -0.31 -6.43
C LYS B 52 34.60 -0.28 -5.61
N PHE B 53 34.04 0.92 -5.49
CA PHE B 53 32.82 1.12 -4.72
C PHE B 53 31.74 1.71 -5.61
N THR B 54 31.05 0.83 -6.31
CA THR B 54 30.06 1.26 -7.26
C THR B 54 28.59 0.93 -6.94
N SER B 55 28.33 0.33 -5.78
CA SER B 55 26.95 0.01 -5.39
C SER B 55 26.74 0.06 -3.88
N TYR B 56 25.49 0.28 -3.48
CA TYR B 56 25.11 0.35 -2.08
C TYR B 56 25.21 -1.01 -1.42
N GLY B 57 25.79 -1.06 -0.22
CA GLY B 57 25.88 -2.32 0.50
C GLY B 57 24.50 -2.65 1.02
N PRO B 58 24.32 -3.76 1.75
CA PRO B 58 22.99 -4.08 2.27
C PRO B 58 22.64 -3.16 3.44
N SER B 59 21.36 -3.07 3.78
CA SER B 59 20.92 -2.26 4.92
C SER B 59 21.21 -3.10 6.16
N CYS B 60 21.19 -2.49 7.32
CA CYS B 60 21.38 -3.23 8.56
C CYS B 60 20.05 -4.00 8.71
N MET B 61 19.97 -4.93 9.64
CA MET B 61 18.74 -5.69 9.82
C MET B 61 17.55 -4.79 10.15
N GLN B 62 16.40 -5.13 9.60
CA GLN B 62 15.18 -4.36 9.77
C GLN B 62 14.12 -5.06 10.61
N GLN B 63 13.44 -4.30 11.46
CA GLN B 63 12.36 -4.84 12.27
C GLN B 63 11.06 -4.57 11.54
N ASN B 64 10.17 -5.55 11.52
CA ASN B 64 8.87 -5.40 10.92
C ASN B 64 8.18 -4.29 11.74
N PRO B 65 7.77 -3.17 11.10
CA PRO B 65 7.11 -2.08 11.88
C PRO B 65 5.74 -2.47 12.44
N GLU B 66 5.24 -3.62 12.00
CA GLU B 66 3.99 -4.16 12.49
C GLU B 66 4.30 -5.24 13.53
N GLY B 67 5.57 -5.35 13.89
CA GLY B 67 6.00 -6.33 14.86
C GLY B 67 5.34 -6.11 16.21
N THR B 68 5.15 -7.20 16.95
CA THR B 68 4.51 -7.19 18.26
C THR B 68 4.53 -8.59 18.85
N PHE B 69 4.37 -8.68 20.17
CA PHE B 69 4.32 -9.99 20.84
C PHE B 69 2.97 -10.68 20.58
N GLU B 70 1.97 -9.88 20.22
CA GLU B 70 0.63 -10.39 19.91
C GLU B 70 0.68 -10.95 18.51
N GLU B 71 -0.44 -11.44 18.01
CA GLU B 71 -0.46 -11.96 16.67
C GLU B 71 -1.63 -11.38 15.90
N ASN B 72 -1.30 -10.77 14.77
CA ASN B 72 -2.31 -10.15 13.93
C ASN B 72 -1.86 -10.23 12.49
N LEU B 73 -2.80 -10.02 11.57
CA LEU B 73 -2.49 -10.08 10.15
C LEU B 73 -1.47 -9.07 9.68
N GLY B 74 -1.49 -7.87 10.25
CA GLY B 74 -0.52 -6.87 9.84
C GLY B 74 0.92 -7.36 9.96
N LYS B 75 1.24 -7.95 11.11
CA LYS B 75 2.57 -8.46 11.39
C LYS B 75 2.95 -9.58 10.42
N THR B 76 2.02 -10.50 10.21
CA THR B 76 2.22 -11.64 9.32
C THR B 76 2.44 -11.24 7.86
N ALA B 77 1.58 -10.36 7.34
CA ALA B 77 1.69 -9.90 5.97
C ALA B 77 3.08 -9.35 5.73
N LEU B 78 3.41 -8.33 6.51
CA LEU B 78 4.69 -7.68 6.38
C LEU B 78 5.87 -8.61 6.48
N ASP B 79 5.74 -9.66 7.29
CA ASP B 79 6.84 -10.61 7.40
C ASP B 79 7.01 -11.38 6.09
N LEU B 80 5.90 -11.67 5.42
CA LEU B 80 5.96 -12.39 4.15
C LEU B 80 6.64 -11.54 3.09
N VAL B 81 6.29 -10.26 3.07
CA VAL B 81 6.87 -9.32 2.13
C VAL B 81 8.36 -9.11 2.36
N MET B 82 8.74 -8.81 3.60
CA MET B 82 10.14 -8.57 3.92
C MET B 82 11.05 -9.78 3.81
N GLN B 83 10.47 -10.97 4.00
CA GLN B 83 11.20 -12.23 3.94
C GLN B 83 11.24 -12.82 2.51
N SER B 84 10.42 -12.28 1.61
CA SER B 84 10.38 -12.79 0.25
C SER B 84 11.72 -12.62 -0.48
N LYS B 85 12.06 -13.58 -1.33
CA LYS B 85 13.30 -13.53 -2.10
C LYS B 85 13.37 -12.29 -2.99
N VAL B 86 12.23 -11.86 -3.53
CA VAL B 86 12.17 -10.67 -4.38
C VAL B 86 12.52 -9.43 -3.58
N PHE B 87 11.91 -9.29 -2.41
CA PHE B 87 12.20 -8.14 -1.56
C PHE B 87 13.68 -8.18 -1.21
N GLN B 88 14.19 -9.38 -0.90
CA GLN B 88 15.59 -9.56 -0.55
C GLN B 88 16.51 -9.31 -1.72
N ALA B 89 15.96 -9.38 -2.93
CA ALA B 89 16.74 -9.16 -4.13
C ALA B 89 16.97 -7.68 -4.37
N VAL B 90 15.96 -6.87 -4.10
CA VAL B 90 16.05 -5.44 -4.31
C VAL B 90 16.57 -4.61 -3.11
N LEU B 91 16.24 -5.03 -1.88
CA LEU B 91 16.70 -4.32 -0.68
C LEU B 91 17.28 -5.27 0.35
N PRO B 92 18.51 -5.73 0.10
CA PRO B 92 19.21 -6.65 0.99
C PRO B 92 19.58 -6.07 2.36
N GLN B 93 19.49 -6.91 3.39
CA GLN B 93 19.85 -6.53 4.76
C GLN B 93 20.89 -7.51 5.30
N SER B 94 21.68 -7.06 6.25
CA SER B 94 22.73 -7.87 6.82
C SER B 94 23.22 -7.17 8.07
N GLU B 95 23.83 -7.94 8.97
CA GLU B 95 24.38 -7.37 10.21
C GLU B 95 25.71 -6.70 9.88
N ASP B 96 26.31 -7.13 8.77
CA ASP B 96 27.55 -6.56 8.28
C ASP B 96 27.02 -5.45 7.40
N CYS B 97 26.83 -4.28 7.99
CA CYS B 97 26.22 -3.19 7.25
C CYS B 97 26.78 -1.82 7.52
N LEU B 98 27.88 -1.75 8.25
CA LEU B 98 28.44 -0.45 8.54
C LEU B 98 29.29 0.13 7.40
N THR B 99 28.58 0.75 6.46
CA THR B 99 29.18 1.35 5.28
C THR B 99 28.81 2.81 5.16
N ILE B 100 29.64 3.54 4.42
CA ILE B 100 29.41 4.96 4.20
C ILE B 100 29.37 5.24 2.69
N ASN B 101 28.65 6.27 2.29
CA ASN B 101 28.49 6.60 0.86
C ASN B 101 28.78 8.08 0.55
N VAL B 102 29.58 8.32 -0.48
CA VAL B 102 29.94 9.68 -0.88
C VAL B 102 29.49 9.97 -2.33
N VAL B 103 28.72 11.02 -2.52
CA VAL B 103 28.24 11.42 -3.84
C VAL B 103 28.67 12.88 -4.06
N ARG B 104 29.51 13.13 -5.07
CA ARG B 104 29.99 14.48 -5.36
C ARG B 104 29.60 14.98 -6.75
N PRO B 105 29.77 16.29 -6.99
CA PRO B 105 29.45 16.91 -8.29
C PRO B 105 30.43 16.38 -9.33
N PRO B 106 29.96 16.16 -10.57
CA PRO B 106 30.90 15.65 -11.57
C PRO B 106 32.11 16.58 -11.77
N GLY B 107 33.27 15.95 -11.90
CA GLY B 107 34.51 16.67 -12.09
C GLY B 107 35.16 17.17 -10.80
N THR B 108 34.63 16.75 -9.66
CA THR B 108 35.22 17.20 -8.40
C THR B 108 36.54 16.49 -8.12
N LYS B 109 37.51 17.26 -7.65
CA LYS B 109 38.83 16.75 -7.34
C LYS B 109 39.23 17.10 -5.91
N ALA B 110 40.12 16.30 -5.34
CA ALA B 110 40.61 16.53 -3.99
C ALA B 110 41.13 17.94 -3.95
N GLY B 111 40.86 18.64 -2.85
CA GLY B 111 41.31 20.02 -2.75
C GLY B 111 40.25 21.01 -3.15
N ALA B 112 39.10 20.50 -3.61
CA ALA B 112 37.99 21.37 -4.00
C ALA B 112 37.46 22.11 -2.78
N ASN B 113 37.60 21.49 -1.60
CA ASN B 113 37.15 22.07 -0.34
C ASN B 113 35.68 22.42 -0.35
N LEU B 114 34.86 21.54 -0.90
CA LEU B 114 33.42 21.78 -0.98
C LEU B 114 32.74 21.50 0.36
N PRO B 115 31.64 22.21 0.66
CA PRO B 115 30.91 21.98 1.91
C PRO B 115 30.33 20.56 1.83
N VAL B 116 30.22 19.92 2.99
CA VAL B 116 29.69 18.56 3.07
C VAL B 116 28.32 18.49 3.79
N MET B 117 27.39 17.72 3.23
CA MET B 117 26.08 17.54 3.86
C MET B 117 25.97 16.05 4.18
N LEU B 118 26.13 15.76 5.47
CA LEU B 118 26.09 14.40 6.00
C LEU B 118 24.69 14.04 6.48
N TRP B 119 24.01 13.23 5.67
CA TRP B 119 22.66 12.75 5.88
C TRP B 119 22.52 11.60 6.87
N ILE B 120 21.56 11.69 7.78
CA ILE B 120 21.29 10.63 8.75
C ILE B 120 19.84 10.23 8.53
N PHE B 121 19.64 9.04 7.99
CA PHE B 121 18.31 8.54 7.70
C PHE B 121 17.45 8.29 8.94
N GLY B 122 16.14 8.27 8.73
CA GLY B 122 15.19 8.01 9.79
C GLY B 122 14.37 6.77 9.51
N GLY B 123 13.64 6.30 10.50
CA GLY B 123 12.81 5.10 10.34
C GLY B 123 12.43 4.54 11.69
N GLY B 124 12.10 5.43 12.62
CA GLY B 124 11.70 5.02 13.96
C GLY B 124 12.78 4.29 14.73
N PHE B 125 14.04 4.48 14.34
CA PHE B 125 15.17 3.83 14.98
C PHE B 125 15.01 2.33 14.87
N GLU B 126 14.29 1.90 13.84
CA GLU B 126 13.98 0.48 13.62
C GLU B 126 14.07 -0.02 12.16
N ILE B 127 13.95 0.88 11.19
CA ILE B 127 14.08 0.52 9.77
C ILE B 127 14.84 1.63 9.05
N GLY B 128 15.06 1.43 7.74
CA GLY B 128 15.75 2.39 6.90
C GLY B 128 17.20 2.09 6.53
N SER B 129 17.67 2.80 5.48
CA SER B 129 19.05 2.71 5.00
C SER B 129 19.29 3.89 4.07
N PRO B 130 20.56 4.23 3.81
CA PRO B 130 20.90 5.34 2.92
C PRO B 130 20.33 5.14 1.51
N THR B 131 20.28 3.87 1.10
CA THR B 131 19.81 3.44 -0.21
C THR B 131 18.54 4.11 -0.72
N ILE B 132 17.53 4.25 0.12
CA ILE B 132 16.24 4.82 -0.28
C ILE B 132 16.12 6.34 -0.15
N PHE B 133 17.24 7.03 0.01
CA PHE B 133 17.23 8.49 0.13
C PHE B 133 18.23 9.03 -0.91
N PRO B 134 17.86 8.96 -2.20
CA PRO B 134 18.66 9.40 -3.35
C PRO B 134 19.17 10.83 -3.23
N PRO B 135 20.50 11.02 -3.30
CA PRO B 135 21.13 12.34 -3.20
C PRO B 135 21.26 13.13 -4.50
N ALA B 136 20.92 12.53 -5.64
CA ALA B 136 21.07 13.20 -6.94
C ALA B 136 20.40 14.56 -7.02
N GLN B 137 19.12 14.61 -6.68
CA GLN B 137 18.36 15.86 -6.69
C GLN B 137 19.06 16.97 -5.92
N MET B 138 19.63 16.64 -4.76
CA MET B 138 20.31 17.63 -3.94
C MET B 138 21.64 18.05 -4.57
N VAL B 139 22.40 17.07 -5.06
CA VAL B 139 23.70 17.35 -5.68
C VAL B 139 23.52 18.18 -6.96
N THR B 140 22.55 17.80 -7.79
CA THR B 140 22.28 18.51 -9.03
C THR B 140 21.92 19.97 -8.73
N LYS B 141 20.97 20.16 -7.81
CA LYS B 141 20.55 21.51 -7.45
C LYS B 141 21.70 22.38 -6.91
N SER B 142 22.65 21.76 -6.22
CA SER B 142 23.77 22.54 -5.68
C SER B 142 24.64 23.08 -6.81
N VAL B 143 24.82 22.28 -7.86
CA VAL B 143 25.62 22.70 -9.00
C VAL B 143 24.87 23.79 -9.75
N LEU B 144 23.60 23.53 -10.07
CA LEU B 144 22.77 24.51 -10.79
C LEU B 144 22.67 25.84 -10.04
N MET B 145 22.86 25.81 -8.72
CA MET B 145 22.80 26.99 -7.86
C MET B 145 24.15 27.67 -7.75
N GLY B 146 25.19 26.99 -8.20
CA GLY B 146 26.52 27.55 -8.09
C GLY B 146 27.09 27.38 -6.70
N LYS B 147 26.48 26.50 -5.90
CA LYS B 147 26.95 26.22 -4.52
C LYS B 147 27.05 24.71 -4.41
N PRO B 148 27.98 24.10 -5.14
CA PRO B 148 28.17 22.65 -5.12
C PRO B 148 28.47 22.04 -3.75
N ILE B 149 27.83 20.91 -3.44
CA ILE B 149 28.06 20.28 -2.15
C ILE B 149 28.35 18.79 -2.33
N ILE B 150 29.02 18.19 -1.34
CA ILE B 150 29.26 16.75 -1.36
C ILE B 150 28.27 16.17 -0.38
N HIS B 151 27.61 15.10 -0.78
CA HIS B 151 26.58 14.47 0.02
C HIS B 151 27.10 13.14 0.57
N VAL B 152 27.08 13.01 1.89
CA VAL B 152 27.54 11.79 2.55
C VAL B 152 26.36 11.19 3.32
N ALA B 153 26.19 9.88 3.22
CA ALA B 153 25.13 9.18 3.91
C ALA B 153 25.75 8.01 4.67
N VAL B 154 25.66 8.06 6.00
CA VAL B 154 26.22 7.01 6.85
C VAL B 154 25.15 6.01 7.29
N ASN B 155 25.47 4.74 7.24
CA ASN B 155 24.54 3.71 7.68
C ASN B 155 24.79 3.46 9.19
N TYR B 156 23.77 3.00 9.90
CA TYR B 156 23.92 2.73 11.32
C TYR B 156 23.00 1.60 11.79
N ARG B 157 23.40 0.95 12.87
CA ARG B 157 22.58 -0.13 13.40
C ARG B 157 21.25 0.42 13.89
N VAL B 158 20.22 -0.32 13.56
CA VAL B 158 18.85 0.07 13.86
C VAL B 158 18.16 -1.06 14.69
N ALA B 159 17.03 -0.75 15.33
CA ALA B 159 16.27 -1.69 16.15
C ALA B 159 17.04 -2.27 17.36
N SER B 160 16.89 -3.58 17.61
CA SER B 160 17.57 -4.24 18.72
C SER B 160 19.08 -4.26 18.55
N TRP B 161 19.53 -4.40 17.30
CA TRP B 161 20.95 -4.45 16.95
C TRP B 161 21.67 -3.18 17.30
N GLY B 162 20.94 -2.07 17.30
CA GLY B 162 21.60 -0.82 17.62
C GLY B 162 21.08 -0.10 18.85
N PHE B 163 19.88 -0.43 19.30
CA PHE B 163 19.33 0.24 20.46
C PHE B 163 18.77 -0.66 21.57
N LEU B 164 19.42 -1.79 21.83
CA LEU B 164 18.97 -2.67 22.92
C LEU B 164 19.38 -1.93 24.20
N ALA B 165 18.52 -1.96 25.21
CA ALA B 165 18.80 -1.28 26.47
C ALA B 165 18.72 -2.28 27.62
N GLY B 166 18.50 -1.76 28.84
CA GLY B 166 18.41 -2.63 30.01
C GLY B 166 19.60 -2.50 30.93
N ASP B 167 19.60 -3.27 32.00
CA ASP B 167 20.67 -3.23 32.99
C ASP B 167 22.01 -3.81 32.53
N ASP B 168 21.97 -4.87 31.73
CA ASP B 168 23.17 -5.52 31.23
C ASP B 168 23.93 -4.64 30.26
N ILE B 169 23.19 -4.09 29.30
CA ILE B 169 23.74 -3.20 28.30
C ILE B 169 24.39 -2.06 29.07
N LYS B 170 23.62 -1.46 29.97
CA LYS B 170 24.07 -0.37 30.81
C LYS B 170 25.34 -0.73 31.60
N ALA B 171 25.35 -1.92 32.20
CA ALA B 171 26.50 -2.36 32.98
C ALA B 171 27.74 -2.54 32.11
N GLU B 172 27.51 -2.97 30.88
CA GLU B 172 28.58 -3.22 29.91
C GLU B 172 29.09 -1.94 29.23
N GLY B 173 28.28 -0.87 29.29
CA GLY B 173 28.66 0.38 28.67
C GLY B 173 28.41 0.33 27.17
N SER B 174 27.39 -0.43 26.75
CA SER B 174 27.06 -0.62 25.35
C SER B 174 25.80 0.05 24.86
N GLY B 175 25.35 1.10 25.53
CA GLY B 175 24.13 1.78 25.10
C GLY B 175 24.24 2.62 23.85
N ASN B 176 23.09 2.84 23.20
CA ASN B 176 23.00 3.67 21.99
C ASN B 176 24.00 3.31 20.88
N ALA B 177 24.23 2.03 20.65
CA ALA B 177 25.17 1.59 19.62
C ALA B 177 24.93 2.24 18.27
N GLY B 178 23.66 2.38 17.86
CA GLY B 178 23.35 2.99 16.57
C GLY B 178 23.88 4.41 16.42
N LEU B 179 23.87 5.18 17.51
CA LEU B 179 24.37 6.56 17.51
C LEU B 179 25.88 6.63 17.47
N LYS B 180 26.52 5.63 18.04
CA LYS B 180 27.97 5.52 18.04
C LYS B 180 28.45 5.18 16.63
N ASP B 181 27.63 4.43 15.88
CA ASP B 181 27.95 4.12 14.47
C ASP B 181 27.98 5.43 13.68
N GLN B 182 26.98 6.28 13.92
CA GLN B 182 26.87 7.58 13.28
C GLN B 182 28.06 8.45 13.65
N ARG B 183 28.40 8.50 14.94
CA ARG B 183 29.52 9.30 15.43
C ARG B 183 30.87 8.83 14.83
N LEU B 184 31.03 7.52 14.66
CA LEU B 184 32.26 6.97 14.04
C LEU B 184 32.30 7.41 12.57
N GLY B 185 31.12 7.38 11.91
CA GLY B 185 31.01 7.79 10.52
C GLY B 185 31.40 9.25 10.36
N MET B 186 31.00 10.08 11.33
CA MET B 186 31.34 11.51 11.34
C MET B 186 32.85 11.73 11.46
N GLN B 187 33.51 10.87 12.22
CA GLN B 187 34.97 10.93 12.43
C GLN B 187 35.67 10.47 11.16
N TRP B 188 35.10 9.47 10.49
CA TRP B 188 35.64 8.98 9.22
C TRP B 188 35.62 10.12 8.21
N VAL B 189 34.54 10.89 8.21
CA VAL B 189 34.40 12.01 7.29
C VAL B 189 35.47 13.03 7.59
N ALA B 190 35.66 13.36 8.87
CA ALA B 190 36.67 14.32 9.28
C ALA B 190 38.07 13.91 8.79
N ASP B 191 38.34 12.60 8.81
CA ASP B 191 39.64 12.04 8.40
C ASP B 191 39.82 11.76 6.94
N ASN B 192 38.73 11.50 6.21
CA ASN B 192 38.86 11.13 4.82
C ASN B 192 38.25 11.98 3.74
N ILE B 193 37.29 12.83 4.09
CA ILE B 193 36.59 13.65 3.09
C ILE B 193 37.38 14.61 2.18
N ALA B 194 38.51 15.12 2.65
CA ALA B 194 39.30 16.04 1.85
C ALA B 194 39.73 15.33 0.55
N GLY B 195 39.96 14.03 0.65
CA GLY B 195 40.35 13.22 -0.49
C GLY B 195 39.29 13.06 -1.58
N PHE B 196 38.05 13.37 -1.25
CA PHE B 196 36.99 13.29 -2.22
C PHE B 196 36.69 14.68 -2.74
N GLY B 197 37.30 15.72 -2.15
CA GLY B 197 37.05 17.09 -2.56
C GLY B 197 36.26 17.88 -1.53
N GLY B 198 36.03 17.29 -0.36
CA GLY B 198 35.29 17.99 0.68
C GLY B 198 36.14 18.75 1.69
N ASP B 199 35.53 19.72 2.38
CA ASP B 199 36.22 20.51 3.41
C ASP B 199 35.70 20.01 4.76
N PRO B 200 36.53 19.23 5.47
CA PRO B 200 36.17 18.67 6.79
C PRO B 200 35.71 19.70 7.81
N SER B 201 36.06 20.97 7.60
CA SER B 201 35.66 22.01 8.53
C SER B 201 34.36 22.65 8.08
N LYS B 202 33.71 22.06 7.07
CA LYS B 202 32.44 22.60 6.56
C LYS B 202 31.37 21.54 6.46
N VAL B 203 31.23 20.75 7.54
CA VAL B 203 30.24 19.69 7.58
C VAL B 203 28.98 20.15 8.30
N THR B 204 27.86 19.95 7.63
CA THR B 204 26.54 20.25 8.14
C THR B 204 25.85 18.90 8.28
N ILE B 205 25.35 18.56 9.46
CA ILE B 205 24.65 17.29 9.63
C ILE B 205 23.16 17.53 9.50
N PHE B 206 22.44 16.62 8.85
CA PHE B 206 20.99 16.76 8.68
C PHE B 206 20.33 15.39 8.62
N GLY B 207 19.08 15.31 9.06
CA GLY B 207 18.36 14.05 9.02
C GLY B 207 16.89 14.37 9.19
N GLU B 208 16.02 13.40 8.95
CA GLU B 208 14.59 13.65 9.11
C GLU B 208 14.05 12.59 10.05
N SER B 209 13.07 12.97 10.88
CA SER B 209 12.44 12.03 11.82
C SER B 209 13.50 11.48 12.81
N ALA B 210 13.70 10.15 12.85
CA ALA B 210 14.72 9.57 13.74
C ALA B 210 16.10 10.14 13.44
N GLY B 211 16.31 10.53 12.18
CA GLY B 211 17.58 11.10 11.79
C GLY B 211 17.70 12.51 12.29
N SER B 212 16.55 13.17 12.45
CA SER B 212 16.50 14.55 12.94
C SER B 212 16.80 14.53 14.43
N MET B 213 16.15 13.59 15.12
CA MET B 213 16.37 13.38 16.55
C MET B 213 17.83 13.00 16.78
N SER B 214 18.40 12.22 15.85
CA SER B 214 19.80 11.83 15.95
C SER B 214 20.69 13.07 15.87
N VAL B 215 20.31 14.05 15.05
CA VAL B 215 21.08 15.28 14.93
C VAL B 215 21.08 15.99 16.28
N LEU B 216 19.91 16.06 16.94
CA LEU B 216 19.88 16.69 18.24
C LEU B 216 20.79 15.92 19.22
N CYS B 217 20.71 14.59 19.18
CA CYS B 217 21.54 13.77 20.06
C CYS B 217 23.01 14.09 19.84
N HIS B 218 23.37 14.46 18.61
CA HIS B 218 24.75 14.80 18.30
C HIS B 218 25.18 16.18 18.80
N LEU B 219 24.20 17.06 19.05
CA LEU B 219 24.47 18.38 19.61
C LEU B 219 24.74 18.30 21.13
N ILE B 220 24.03 17.39 21.82
CA ILE B 220 24.18 17.21 23.27
C ILE B 220 25.11 16.07 23.67
N TRP B 221 25.63 15.35 22.69
CA TRP B 221 26.54 14.22 22.88
C TRP B 221 27.76 14.72 23.64
N ASN B 222 28.22 13.94 24.61
CA ASN B 222 29.36 14.29 25.46
C ASN B 222 29.27 15.72 26.00
N ASP B 223 28.07 16.09 26.48
CA ASP B 223 27.75 17.41 27.03
C ASP B 223 28.04 18.60 26.11
N GLY B 224 27.89 18.40 24.81
CA GLY B 224 28.11 19.48 23.86
C GLY B 224 29.53 19.59 23.33
N ASP B 225 30.35 18.59 23.62
CA ASP B 225 31.72 18.59 23.13
C ASP B 225 31.71 17.80 21.83
N ASN B 226 31.71 18.50 20.70
CA ASN B 226 31.67 17.85 19.39
C ASN B 226 33.04 17.81 18.72
N THR B 227 34.09 18.06 19.48
CA THR B 227 35.42 18.04 18.88
C THR B 227 36.00 16.65 18.70
N TYR B 228 36.91 16.55 17.75
CA TYR B 228 37.61 15.33 17.41
C TYR B 228 38.92 15.87 16.92
N LYS B 229 40.01 15.38 17.48
CA LYS B 229 41.34 15.83 17.12
C LYS B 229 41.49 17.34 17.19
N GLY B 230 40.88 17.94 18.21
CA GLY B 230 40.96 19.38 18.41
C GLY B 230 40.06 20.22 17.54
N LYS B 231 39.35 19.58 16.63
CA LYS B 231 38.48 20.32 15.74
C LYS B 231 37.05 19.80 15.82
N PRO B 232 36.06 20.70 15.70
CA PRO B 232 34.66 20.30 15.74
C PRO B 232 34.28 19.42 14.55
N LEU B 233 33.43 18.44 14.78
CA LEU B 233 33.00 17.50 13.75
C LEU B 233 32.04 18.04 12.73
N PHE B 234 31.34 19.11 13.09
CA PHE B 234 30.35 19.73 12.20
C PHE B 234 30.15 21.19 12.59
N ARG B 235 29.71 22.02 11.65
CA ARG B 235 29.53 23.43 11.95
C ARG B 235 28.09 23.91 11.88
N ALA B 236 27.16 22.98 11.62
CA ALA B 236 25.76 23.34 11.53
C ALA B 236 24.92 22.08 11.51
N GLY B 237 23.63 22.25 11.77
CA GLY B 237 22.72 21.13 11.76
C GLY B 237 21.37 21.51 11.21
N ILE B 238 20.73 20.58 10.53
CA ILE B 238 19.40 20.79 9.97
C ILE B 238 18.55 19.64 10.52
N MET B 239 17.44 20.00 11.15
CA MET B 239 16.54 19.04 11.75
C MET B 239 15.17 19.06 11.11
N GLN B 240 14.87 18.03 10.33
CA GLN B 240 13.59 17.90 9.64
C GLN B 240 12.67 16.96 10.44
N SER B 241 11.80 17.53 11.27
CA SER B 241 10.83 16.77 12.08
C SER B 241 11.50 15.90 13.17
N GLY B 242 11.90 16.54 14.27
CA GLY B 242 12.50 15.80 15.36
C GLY B 242 13.58 16.56 16.11
N ALA B 243 13.49 16.55 17.44
CA ALA B 243 14.48 17.20 18.31
C ALA B 243 14.78 16.22 19.46
N MET B 244 14.57 16.64 20.71
CA MET B 244 14.83 15.77 21.87
C MET B 244 13.98 14.52 21.88
N VAL B 245 14.57 13.42 22.33
CA VAL B 245 13.86 12.16 22.44
C VAL B 245 13.32 12.17 23.89
N PRO B 246 11.99 12.01 24.05
CA PRO B 246 11.36 12.01 25.38
C PRO B 246 11.48 10.62 26.02
N SER B 247 12.68 10.28 26.45
CA SER B 247 12.91 8.97 27.02
C SER B 247 13.68 8.91 28.36
N ASP B 248 13.33 7.87 29.12
CA ASP B 248 13.95 7.55 30.39
C ASP B 248 15.31 6.91 30.09
N PRO B 249 16.16 6.75 31.11
CA PRO B 249 17.50 6.15 31.00
C PRO B 249 17.54 4.74 30.42
N VAL B 250 18.73 4.34 29.97
CA VAL B 250 18.97 3.02 29.38
C VAL B 250 18.51 1.89 30.30
N ASP B 251 18.70 2.10 31.61
CA ASP B 251 18.30 1.11 32.61
C ASP B 251 16.95 1.45 33.30
N GLY B 252 16.08 2.15 32.59
CA GLY B 252 14.77 2.51 33.14
C GLY B 252 13.77 1.36 33.01
N THR B 253 12.52 1.65 33.32
CA THR B 253 11.46 0.64 33.30
C THR B 253 11.23 -0.07 31.97
N TYR B 254 10.90 0.70 30.93
CA TYR B 254 10.62 0.13 29.62
C TYR B 254 11.84 -0.45 28.90
N GLY B 255 13.02 0.15 29.14
CA GLY B 255 14.25 -0.34 28.55
C GLY B 255 14.46 -1.78 28.99
N ASN B 256 14.28 -2.04 30.29
CA ASN B 256 14.39 -3.40 30.84
C ASN B 256 13.28 -4.31 30.39
N GLU B 257 12.04 -3.80 30.35
CA GLU B 257 10.89 -4.60 29.90
C GLU B 257 11.10 -5.16 28.50
N ILE B 258 11.50 -4.29 27.58
CA ILE B 258 11.75 -4.69 26.20
C ILE B 258 12.91 -5.69 26.18
N TYR B 259 13.93 -5.41 26.98
CA TYR B 259 15.10 -6.29 27.06
C TYR B 259 14.69 -7.70 27.51
N ASP B 260 13.84 -7.78 28.53
CA ASP B 260 13.41 -9.08 29.03
C ASP B 260 12.61 -9.83 27.98
N LEU B 261 11.72 -9.12 27.29
CA LEU B 261 10.90 -9.76 26.26
C LEU B 261 11.73 -10.25 25.08
N PHE B 262 12.77 -9.49 24.72
CA PHE B 262 13.67 -9.85 23.62
C PHE B 262 14.49 -11.10 23.97
N VAL B 263 15.05 -11.08 25.18
CA VAL B 263 15.85 -12.18 25.70
C VAL B 263 15.08 -13.49 25.74
N SER B 264 13.84 -13.43 26.23
CA SER B 264 13.02 -14.63 26.32
C SER B 264 12.57 -15.08 24.94
N SER B 265 12.30 -14.11 24.06
CA SER B 265 11.89 -14.41 22.70
C SER B 265 13.06 -15.06 21.95
N ALA B 266 14.28 -14.68 22.30
CA ALA B 266 15.49 -15.22 21.67
C ALA B 266 15.82 -16.62 22.23
N GLY B 267 15.15 -17.00 23.31
CA GLY B 267 15.39 -18.29 23.93
C GLY B 267 16.58 -18.23 24.89
N CYS B 268 16.87 -17.03 25.38
CA CYS B 268 17.97 -16.81 26.31
C CYS B 268 17.50 -16.51 27.74
N GLY B 269 16.23 -16.82 28.02
CA GLY B 269 15.67 -16.58 29.34
C GLY B 269 16.32 -17.36 30.49
N SER B 270 16.82 -18.56 30.21
CA SER B 270 17.46 -19.41 31.21
C SER B 270 18.95 -19.17 31.42
N ALA B 271 19.56 -18.27 30.65
CA ALA B 271 20.99 -18.00 30.76
C ALA B 271 21.32 -16.97 31.82
N SER B 272 22.45 -17.16 32.48
CA SER B 272 22.87 -16.22 33.50
C SER B 272 23.63 -15.05 32.86
N ASP B 273 24.24 -15.29 31.72
CA ASP B 273 24.92 -14.22 30.99
C ASP B 273 24.12 -14.13 29.71
N LYS B 274 23.07 -13.32 29.75
CA LYS B 274 22.18 -13.13 28.63
C LYS B 274 22.78 -12.46 27.41
N LEU B 275 23.68 -11.49 27.60
CA LEU B 275 24.31 -10.84 26.45
C LEU B 275 25.19 -11.83 25.69
N ALA B 276 25.83 -12.75 26.42
CA ALA B 276 26.66 -13.75 25.76
C ALA B 276 25.77 -14.76 25.02
N CYS B 277 24.55 -14.96 25.51
CA CYS B 277 23.61 -15.88 24.88
C CYS B 277 23.04 -15.24 23.63
N LEU B 278 22.83 -13.93 23.68
CA LEU B 278 22.29 -13.21 22.53
C LEU B 278 23.35 -13.20 21.40
N ARG B 279 24.61 -12.98 21.79
CA ARG B 279 25.73 -12.95 20.85
C ARG B 279 26.04 -14.27 20.11
N SER B 280 25.50 -15.37 20.62
CA SER B 280 25.74 -16.68 20.01
C SER B 280 24.56 -17.16 19.16
N ALA B 281 23.41 -16.50 19.33
CA ALA B 281 22.21 -16.85 18.59
C ALA B 281 22.35 -16.55 17.10
N SER B 282 21.65 -17.32 16.27
CA SER B 282 21.72 -17.12 14.84
C SER B 282 21.02 -15.82 14.46
N SER B 283 21.27 -15.30 13.26
CA SER B 283 20.62 -14.06 12.85
C SER B 283 19.11 -14.19 12.80
N ASP B 284 18.62 -15.37 12.42
CA ASP B 284 17.19 -15.59 12.34
C ASP B 284 16.53 -15.53 13.69
N THR B 285 17.19 -16.08 14.70
CA THR B 285 16.67 -16.08 16.05
C THR B 285 16.54 -14.63 16.51
N LEU B 286 17.59 -13.84 16.30
CA LEU B 286 17.57 -12.44 16.69
C LEU B 286 16.53 -11.64 15.90
N LEU B 287 16.34 -11.97 14.63
CA LEU B 287 15.36 -11.26 13.83
C LEU B 287 13.96 -11.60 14.31
N ASP B 288 13.69 -12.88 14.53
CA ASP B 288 12.39 -13.31 14.99
C ASP B 288 12.09 -12.72 16.36
N ALA B 289 13.07 -12.72 17.25
CA ALA B 289 12.86 -12.17 18.58
C ALA B 289 12.51 -10.69 18.49
N THR B 290 13.26 -9.96 17.66
CA THR B 290 13.05 -8.52 17.47
C THR B 290 11.66 -8.23 16.92
N ASN B 291 11.19 -9.07 16.01
CA ASN B 291 9.87 -8.91 15.43
C ASN B 291 8.75 -9.31 16.37
N ASN B 292 9.15 -9.80 17.55
CA ASN B 292 8.20 -10.18 18.57
C ASN B 292 8.03 -9.04 19.58
N THR B 293 8.78 -7.96 19.39
CA THR B 293 8.65 -6.79 20.23
C THR B 293 7.88 -5.79 19.34
N PRO B 294 7.18 -4.82 19.94
CA PRO B 294 6.41 -3.86 19.13
C PRO B 294 7.18 -2.95 18.18
N GLY B 295 6.68 -2.86 16.94
CA GLY B 295 7.26 -1.99 15.93
C GLY B 295 6.52 -0.66 16.02
N PHE B 296 7.06 0.40 15.41
CA PHE B 296 6.45 1.72 15.48
C PHE B 296 5.03 1.86 14.91
N LEU B 297 4.59 0.92 14.09
CA LEU B 297 3.21 0.95 13.56
C LEU B 297 2.22 0.06 14.37
N ALA B 298 2.73 -0.61 15.40
CA ALA B 298 1.89 -1.45 16.26
C ALA B 298 1.14 -0.51 17.20
N TYR B 299 0.21 -1.09 17.97
CA TYR B 299 -0.60 -0.32 18.92
C TYR B 299 0.19 0.63 19.81
N SER B 300 1.35 0.16 20.31
CA SER B 300 2.22 0.97 21.19
C SER B 300 2.67 2.27 20.56
N SER B 301 2.62 2.31 19.23
CA SER B 301 2.94 3.50 18.47
C SER B 301 4.26 4.14 18.85
N LEU B 302 4.24 5.44 19.13
CA LEU B 302 5.46 6.15 19.44
C LEU B 302 6.12 5.81 20.77
N ARG B 303 5.52 4.89 21.54
CA ARG B 303 6.14 4.41 22.76
C ARG B 303 7.08 3.34 22.18
N LEU B 304 8.21 3.81 21.62
CA LEU B 304 9.16 2.95 20.92
C LEU B 304 9.92 1.91 21.71
N SER B 305 10.06 0.73 21.09
CA SER B 305 10.79 -0.38 21.68
C SER B 305 12.28 -0.11 21.63
N TYR B 306 12.75 0.60 20.59
CA TYR B 306 14.17 0.91 20.42
C TYR B 306 14.31 2.38 20.07
N LEU B 307 15.15 3.08 20.84
CA LEU B 307 15.34 4.52 20.64
C LEU B 307 16.47 4.98 21.51
N PRO B 308 17.06 6.15 21.22
CA PRO B 308 18.17 6.66 22.04
C PRO B 308 17.68 6.96 23.46
N ARG B 309 18.51 6.65 24.46
CA ARG B 309 18.17 6.88 25.85
C ARG B 309 19.39 7.36 26.60
N PRO B 310 19.21 8.27 27.55
CA PRO B 310 20.37 8.76 28.32
C PRO B 310 21.08 7.54 28.95
N ASP B 311 22.41 7.54 28.91
CA ASP B 311 23.18 6.43 29.49
C ASP B 311 24.15 6.89 30.58
N GLY B 312 24.09 8.17 30.92
CA GLY B 312 24.98 8.73 31.93
C GLY B 312 26.45 8.74 31.55
N LYS B 313 26.74 8.52 30.26
CA LYS B 313 28.11 8.49 29.75
C LYS B 313 28.27 9.47 28.57
N ASN B 314 27.58 9.16 27.47
CA ASN B 314 27.61 9.95 26.25
C ASN B 314 26.38 10.87 26.15
N ILE B 315 25.24 10.40 26.65
CA ILE B 315 24.01 11.21 26.74
C ILE B 315 23.81 11.11 28.26
N THR B 316 24.44 12.03 28.95
CA THR B 316 24.47 12.05 30.39
C THR B 316 23.21 12.22 31.22
N ASP B 317 22.12 12.70 30.62
CA ASP B 317 20.90 12.95 31.38
C ASP B 317 19.72 13.18 30.41
N ASP B 318 18.55 13.38 31.01
CA ASP B 318 17.27 13.71 30.35
C ASP B 318 17.63 14.80 29.31
N MET B 319 17.33 14.52 28.04
CA MET B 319 17.62 15.42 26.93
C MET B 319 17.03 16.81 27.03
N TYR B 320 15.81 16.92 27.55
CA TYR B 320 15.16 18.22 27.72
C TYR B 320 15.95 19.04 28.76
N LYS B 321 16.44 18.35 29.78
CA LYS B 321 17.22 18.98 30.83
C LYS B 321 18.57 19.46 30.30
N LEU B 322 19.21 18.66 29.44
CA LEU B 322 20.51 19.02 28.86
C LEU B 322 20.40 20.28 27.99
N VAL B 323 19.27 20.43 27.30
CA VAL B 323 19.01 21.60 26.45
C VAL B 323 18.71 22.81 27.34
N ARG B 324 17.92 22.56 28.38
CA ARG B 324 17.54 23.58 29.35
C ARG B 324 18.80 24.10 30.05
N ASP B 325 19.75 23.20 30.31
CA ASP B 325 20.98 23.55 30.99
C ASP B 325 22.14 24.05 30.13
N GLY B 326 21.93 24.06 28.82
CA GLY B 326 22.98 24.53 27.92
C GLY B 326 24.10 23.53 27.63
N LYS B 327 23.83 22.24 27.76
CA LYS B 327 24.87 21.26 27.49
C LYS B 327 24.80 20.75 26.05
N TYR B 328 25.05 21.67 25.12
CA TYR B 328 24.98 21.40 23.69
C TYR B 328 26.08 22.10 22.93
N ALA B 329 26.29 21.66 21.69
CA ALA B 329 27.31 22.24 20.82
C ALA B 329 26.80 23.60 20.29
N SER B 330 27.70 24.55 20.08
CA SER B 330 27.32 25.88 19.57
C SER B 330 27.39 25.88 18.05
N VAL B 331 26.24 25.75 17.40
CA VAL B 331 26.20 25.76 15.95
C VAL B 331 24.87 26.34 15.54
N PRO B 332 24.83 27.12 14.44
CA PRO B 332 23.55 27.67 14.00
C PRO B 332 22.73 26.46 13.54
N VAL B 333 21.40 26.55 13.62
CA VAL B 333 20.54 25.43 13.21
C VAL B 333 19.29 25.82 12.45
N ILE B 334 18.78 24.84 11.71
CA ILE B 334 17.51 24.95 11.01
C ILE B 334 16.76 23.72 11.53
N ILE B 335 15.52 23.94 11.98
CA ILE B 335 14.67 22.86 12.47
C ILE B 335 13.24 23.22 12.06
N GLY B 336 12.49 22.24 11.60
CA GLY B 336 11.13 22.51 11.18
C GLY B 336 10.24 21.30 11.27
N ASP B 337 8.98 21.46 10.86
CA ASP B 337 8.02 20.36 10.91
C ASP B 337 7.04 20.41 9.79
N GLN B 338 6.33 19.29 9.66
CA GLN B 338 5.24 19.11 8.71
C GLN B 338 4.01 19.41 9.61
N ASN B 339 2.98 20.05 9.05
CA ASN B 339 1.80 20.43 9.83
C ASN B 339 1.11 19.28 10.58
N ASP B 340 0.96 18.14 9.90
CA ASP B 340 0.28 17.01 10.50
C ASP B 340 1.16 15.79 10.78
N GLU B 341 2.19 16.00 11.60
CA GLU B 341 3.14 14.94 11.99
C GLU B 341 2.54 13.65 12.57
N GLY B 342 1.47 13.79 13.33
CA GLY B 342 0.87 12.64 13.99
C GLY B 342 -0.11 11.74 13.31
N THR B 343 -0.71 12.17 12.20
CA THR B 343 -1.73 11.36 11.52
C THR B 343 -1.41 9.92 11.20
N VAL B 344 -0.18 9.67 10.77
CA VAL B 344 0.27 8.34 10.43
C VAL B 344 0.25 7.44 11.68
N PHE B 345 0.72 8.00 12.79
CA PHE B 345 0.78 7.29 14.05
C PHE B 345 -0.59 7.11 14.71
N GLY B 346 -1.50 8.05 14.42
CA GLY B 346 -2.85 7.97 14.96
C GLY B 346 -3.62 6.79 14.38
N LEU B 347 -3.14 6.26 13.27
CA LEU B 347 -3.78 5.13 12.61
C LEU B 347 -3.57 3.78 13.30
N SER B 348 -2.65 3.74 14.27
CA SER B 348 -2.32 2.53 15.04
C SER B 348 -3.27 2.24 16.20
N SER B 349 -4.12 3.21 16.53
CA SER B 349 -5.03 3.07 17.66
C SER B 349 -6.46 3.40 17.31
N LEU B 350 -6.89 2.97 16.13
CA LEU B 350 -8.26 3.23 15.66
C LEU B 350 -9.33 2.47 16.45
N ASN B 351 -8.88 1.65 17.39
CA ASN B 351 -9.83 0.90 18.23
C ASN B 351 -10.17 1.64 19.54
N VAL B 352 -9.53 2.79 19.78
CA VAL B 352 -9.88 3.58 20.96
C VAL B 352 -10.83 4.65 20.42
N THR B 353 -12.12 4.47 20.70
CA THR B 353 -13.17 5.36 20.21
C THR B 353 -13.85 6.26 21.21
N THR B 354 -13.64 6.03 22.51
CA THR B 354 -14.28 6.84 23.56
C THR B 354 -13.24 7.65 24.33
N ASN B 355 -13.70 8.66 25.05
CA ASN B 355 -12.80 9.51 25.84
C ASN B 355 -12.18 8.71 26.97
N ALA B 356 -12.90 7.68 27.41
CA ALA B 356 -12.43 6.80 28.47
C ALA B 356 -11.32 5.91 27.93
N GLN B 357 -11.50 5.44 26.70
CA GLN B 357 -10.50 4.59 26.07
C GLN B 357 -9.24 5.40 25.76
N ALA B 358 -9.44 6.64 25.33
CA ALA B 358 -8.31 7.51 25.01
C ALA B 358 -7.54 7.85 26.28
N ARG B 359 -8.25 7.99 27.40
CA ARG B 359 -7.60 8.29 28.67
C ARG B 359 -6.72 7.13 29.09
N ALA B 360 -7.25 5.92 28.91
CA ALA B 360 -6.54 4.69 29.25
C ALA B 360 -5.28 4.48 28.40
N TYR B 361 -5.37 4.84 27.12
CA TYR B 361 -4.23 4.71 26.19
C TYR B 361 -3.14 5.70 26.56
N PHE B 362 -3.54 6.91 26.90
CA PHE B 362 -2.59 7.93 27.31
C PHE B 362 -1.96 7.52 28.61
N LYS B 363 -2.74 6.88 29.48
CA LYS B 363 -2.25 6.41 30.78
C LYS B 363 -1.29 5.23 30.64
N GLN B 364 -1.57 4.33 29.70
CA GLN B 364 -0.68 3.19 29.49
C GLN B 364 0.61 3.60 28.74
N SER B 365 0.54 4.68 27.97
CA SER B 365 1.69 5.17 27.21
C SER B 365 2.67 6.02 28.03
N PHE B 366 2.15 6.85 28.93
CA PHE B 366 2.96 7.73 29.77
C PHE B 366 2.92 7.26 31.23
N ILE B 367 3.81 6.32 31.57
CA ILE B 367 3.87 5.73 32.93
C ILE B 367 4.15 6.68 34.09
N HIS B 368 4.71 7.85 33.78
CA HIS B 368 5.03 8.85 34.79
C HIS B 368 4.03 10.00 34.90
N ALA B 369 2.96 9.98 34.10
CA ALA B 369 2.02 11.08 34.17
C ALA B 369 0.94 10.86 35.22
N SER B 370 0.74 11.89 36.03
CA SER B 370 -0.27 11.85 37.06
C SER B 370 -1.64 12.08 36.42
N ASP B 371 -2.68 11.70 37.14
CA ASP B 371 -4.05 11.83 36.69
C ASP B 371 -4.36 13.26 36.33
N ALA B 372 -3.83 14.20 37.10
CA ALA B 372 -4.07 15.61 36.85
C ALA B 372 -3.40 16.01 35.54
N GLU B 373 -2.19 15.51 35.32
CA GLU B 373 -1.44 15.82 34.12
C GLU B 373 -2.14 15.28 32.89
N ILE B 374 -2.79 14.15 33.04
CA ILE B 374 -3.52 13.54 31.95
C ILE B 374 -4.84 14.27 31.74
N ASP B 375 -5.36 14.88 32.79
CA ASP B 375 -6.61 15.63 32.68
C ASP B 375 -6.39 16.97 31.96
N THR B 376 -5.22 17.56 32.18
CA THR B 376 -4.85 18.81 31.56
C THR B 376 -4.55 18.61 30.06
N LEU B 377 -3.93 17.48 29.75
CA LEU B 377 -3.59 17.13 28.38
C LEU B 377 -4.90 16.95 27.60
N MET B 378 -5.81 16.17 28.18
CA MET B 378 -7.08 15.93 27.53
C MET B 378 -8.00 17.14 27.44
N ALA B 379 -7.68 18.18 28.19
CA ALA B 379 -8.50 19.38 28.14
C ALA B 379 -7.88 20.33 27.12
N ALA B 380 -6.55 20.23 26.95
CA ALA B 380 -5.77 21.03 25.99
C ALA B 380 -5.99 20.51 24.58
N TYR B 381 -6.16 19.20 24.48
CA TYR B 381 -6.43 18.50 23.21
C TYR B 381 -7.79 17.86 23.36
N PRO B 382 -8.88 18.64 23.19
CA PRO B 382 -10.26 18.16 23.31
C PRO B 382 -10.72 17.18 22.24
N GLN B 383 -11.76 16.44 22.57
CA GLN B 383 -12.36 15.45 21.69
C GLN B 383 -12.86 16.12 20.40
N ASP B 384 -13.32 17.37 20.54
CA ASP B 384 -13.85 18.17 19.43
C ASP B 384 -13.08 17.87 18.14
N ILE B 385 -13.72 17.14 17.22
CA ILE B 385 -13.07 16.75 15.96
C ILE B 385 -12.51 17.87 15.11
N THR B 386 -13.04 19.09 15.23
CA THR B 386 -12.54 20.24 14.44
C THR B 386 -11.19 20.75 14.95
N GLN B 387 -10.86 20.42 16.20
CA GLN B 387 -9.62 20.83 16.84
C GLN B 387 -8.42 19.92 16.57
N GLY B 388 -8.66 18.71 16.10
CA GLY B 388 -7.57 17.79 15.84
C GLY B 388 -6.81 17.88 14.53
N SER B 389 -5.94 16.89 14.30
CA SER B 389 -5.10 16.79 13.11
C SER B 389 -5.63 15.66 12.22
N PRO B 390 -5.67 15.87 10.87
CA PRO B 390 -5.28 17.03 10.05
C PRO B 390 -5.88 18.35 10.53
N PHE B 391 -5.03 19.28 10.89
CA PHE B 391 -5.46 20.58 11.40
C PHE B 391 -6.21 21.41 10.37
N ASP B 392 -7.18 22.17 10.88
CA ASP B 392 -8.03 23.04 10.05
C ASP B 392 -8.86 22.32 9.00
N THR B 393 -9.31 21.11 9.31
CA THR B 393 -10.15 20.38 8.36
C THR B 393 -11.59 20.24 8.85
N GLY B 394 -11.94 21.03 9.87
CA GLY B 394 -13.29 21.00 10.41
C GLY B 394 -13.80 19.62 10.79
N ILE B 395 -14.97 19.28 10.26
CA ILE B 395 -15.55 17.99 10.56
C ILE B 395 -15.04 16.89 9.66
N PHE B 396 -14.07 17.21 8.82
CA PHE B 396 -13.51 16.21 7.91
C PHE B 396 -12.51 15.32 8.63
N ASN B 397 -12.25 14.16 8.05
CA ASN B 397 -11.26 13.21 8.55
C ASN B 397 -11.58 12.49 9.86
N ALA B 398 -12.87 12.44 10.21
CA ALA B 398 -13.32 11.79 11.43
C ALA B 398 -13.55 10.28 11.30
N ILE B 399 -12.45 9.53 11.15
CA ILE B 399 -12.49 8.08 11.03
C ILE B 399 -13.17 7.53 12.28
N THR B 400 -12.79 8.08 13.43
CA THR B 400 -13.35 7.75 14.75
C THR B 400 -13.40 9.07 15.53
N PRO B 401 -14.11 9.09 16.68
CA PRO B 401 -14.21 10.32 17.47
C PRO B 401 -12.91 10.77 18.16
N GLN B 402 -11.91 9.90 18.19
CA GLN B 402 -10.64 10.19 18.82
C GLN B 402 -9.40 10.31 17.92
N PHE B 403 -9.50 9.85 16.66
CA PHE B 403 -8.38 9.87 15.71
C PHE B 403 -7.63 11.20 15.52
N LYS B 404 -8.38 12.27 15.30
CA LYS B 404 -7.76 13.57 15.08
C LYS B 404 -7.15 14.08 16.38
N ARG B 405 -7.75 13.69 17.51
CA ARG B 405 -7.25 14.11 18.82
C ARG B 405 -5.92 13.41 19.16
N ILE B 406 -5.89 12.08 18.97
CA ILE B 406 -4.69 11.28 19.25
C ILE B 406 -3.56 11.68 18.31
N SER B 407 -3.93 12.00 17.06
CA SER B 407 -2.98 12.46 16.04
C SER B 407 -2.35 13.77 16.48
N ALA B 408 -3.17 14.73 16.92
CA ALA B 408 -2.69 16.03 17.38
C ALA B 408 -1.72 15.89 18.57
N VAL B 409 -2.07 15.04 19.53
CA VAL B 409 -1.23 14.81 20.71
C VAL B 409 0.13 14.17 20.35
N LEU B 410 0.11 13.09 19.56
CA LEU B 410 1.33 12.41 19.16
C LEU B 410 2.28 13.31 18.40
N GLY B 411 1.75 14.01 17.39
CA GLY B 411 2.57 14.91 16.61
C GLY B 411 3.23 16.04 17.40
N ASP B 412 2.51 16.60 18.36
CA ASP B 412 3.02 17.71 19.17
C ASP B 412 4.06 17.32 20.21
N LEU B 413 3.81 16.25 20.95
CA LEU B 413 4.79 15.84 21.95
C LEU B 413 6.08 15.35 21.30
N ALA B 414 5.96 14.51 20.27
CA ALA B 414 7.13 13.95 19.63
C ALA B 414 7.92 14.87 18.70
N PHE B 415 7.22 15.79 18.02
CA PHE B 415 7.86 16.66 17.05
C PHE B 415 7.67 18.17 17.16
N ILE B 416 6.43 18.61 16.98
CA ILE B 416 6.10 20.03 16.96
C ILE B 416 6.36 20.88 18.20
N HIS B 417 5.88 20.46 19.36
CA HIS B 417 6.13 21.25 20.55
C HIS B 417 7.51 21.00 21.09
N ALA B 418 8.05 19.82 20.79
CA ALA B 418 9.44 19.47 21.17
C ALA B 418 10.37 20.48 20.49
N ARG B 419 10.04 20.80 19.22
CA ARG B 419 10.79 21.76 18.42
C ARG B 419 10.71 23.15 19.05
N ARG B 420 9.50 23.58 19.42
CA ARG B 420 9.33 24.89 20.05
C ARG B 420 10.07 24.95 21.39
N TYR B 421 10.05 23.86 22.14
CA TYR B 421 10.76 23.80 23.42
C TYR B 421 12.23 24.04 23.14
N PHE B 422 12.77 23.33 22.16
CA PHE B 422 14.19 23.45 21.78
C PHE B 422 14.58 24.87 21.36
N LEU B 423 13.72 25.51 20.56
CA LEU B 423 13.99 26.86 20.08
C LEU B 423 13.98 27.90 21.19
N ASN B 424 13.15 27.67 22.19
CA ASN B 424 13.06 28.59 23.30
C ASN B 424 14.20 28.46 24.28
N HIS B 425 14.92 27.35 24.22
CA HIS B 425 16.02 27.12 25.14
C HIS B 425 17.42 27.07 24.56
N PHE B 426 17.52 26.74 23.26
CA PHE B 426 18.81 26.67 22.60
C PHE B 426 19.33 28.06 22.29
N GLN B 427 20.52 28.34 22.79
CA GLN B 427 21.18 29.62 22.62
C GLN B 427 22.57 29.43 22.02
N GLY B 428 22.82 28.25 21.46
CA GLY B 428 24.12 27.94 20.88
C GLY B 428 24.45 28.51 19.50
N GLY B 429 23.44 29.03 18.81
CA GLY B 429 23.67 29.59 17.49
C GLY B 429 22.40 30.16 16.90
N THR B 430 22.51 30.78 15.74
CA THR B 430 21.38 31.36 15.05
C THR B 430 20.40 30.25 14.72
N LYS B 431 19.10 30.55 14.87
CA LYS B 431 18.05 29.58 14.60
C LYS B 431 17.11 30.05 13.52
N TYR B 432 16.68 29.10 12.69
CA TYR B 432 15.71 29.34 11.64
C TYR B 432 14.74 28.20 11.77
N SER B 433 13.45 28.47 11.58
CA SER B 433 12.47 27.41 11.70
C SER B 433 11.41 27.52 10.61
N PHE B 434 10.87 26.36 10.22
CA PHE B 434 9.84 26.30 9.19
C PHE B 434 8.69 25.37 9.54
N LEU B 435 7.55 25.62 8.92
CA LEU B 435 6.38 24.79 9.13
C LEU B 435 5.71 24.66 7.77
N SER B 436 5.62 23.42 7.29
CA SER B 436 5.02 23.17 5.99
C SER B 436 3.56 22.75 6.02
N LYS B 437 2.79 23.32 5.11
CA LYS B 437 1.38 23.00 4.97
C LYS B 437 1.17 22.76 3.47
N GLN B 438 2.22 22.30 2.81
CA GLN B 438 2.22 22.06 1.38
C GLN B 438 1.11 21.13 0.91
N LEU B 439 0.70 20.19 1.77
CA LEU B 439 -0.32 19.24 1.38
C LEU B 439 -1.70 19.37 2.04
N SER B 440 -2.06 20.59 2.43
CA SER B 440 -3.37 20.80 3.05
C SER B 440 -4.45 20.28 2.11
N GLY B 441 -5.43 19.59 2.69
CA GLY B 441 -6.50 19.05 1.89
C GLY B 441 -6.31 17.57 1.61
N LEU B 442 -5.12 17.03 1.79
CA LEU B 442 -4.92 15.61 1.53
C LEU B 442 -5.72 14.87 2.60
N PRO B 443 -6.76 14.13 2.19
CA PRO B 443 -7.62 13.38 3.12
C PRO B 443 -6.90 12.46 4.07
N ILE B 444 -7.32 12.51 5.33
CA ILE B 444 -6.81 11.67 6.42
C ILE B 444 -5.42 11.99 6.89
N MET B 445 -4.53 12.22 5.94
CA MET B 445 -3.13 12.48 6.25
C MET B 445 -2.70 13.92 6.41
N GLY B 446 -3.25 14.81 5.59
CA GLY B 446 -2.84 16.20 5.64
C GLY B 446 -1.38 16.26 5.24
N THR B 447 -0.65 17.26 5.73
CA THR B 447 0.75 17.40 5.41
C THR B 447 1.43 16.45 6.37
N PHE B 448 1.50 15.20 5.94
CA PHE B 448 2.03 14.13 6.78
C PHE B 448 3.53 14.04 7.02
N HIS B 449 3.85 13.26 8.05
CA HIS B 449 5.22 13.00 8.48
C HIS B 449 5.99 12.36 7.32
N ALA B 450 7.14 12.96 7.00
CA ALA B 450 8.02 12.49 5.92
C ALA B 450 7.60 12.76 4.46
N ASN B 451 6.56 13.57 4.25
CA ASN B 451 6.20 13.88 2.87
C ASN B 451 7.39 14.72 2.30
N ASP B 452 8.11 15.39 3.19
CA ASP B 452 9.27 16.19 2.79
C ASP B 452 10.43 15.38 2.16
N ILE B 453 10.47 14.08 2.38
CA ILE B 453 11.51 13.26 1.77
C ILE B 453 11.20 13.21 0.25
N VAL B 454 9.92 13.14 -0.12
CA VAL B 454 9.51 13.13 -1.53
C VAL B 454 9.99 14.40 -2.27
N TRP B 455 9.72 15.58 -1.71
CA TRP B 455 10.09 16.86 -2.31
C TRP B 455 11.57 17.20 -2.23
N GLN B 456 12.32 16.43 -1.47
CA GLN B 456 13.76 16.66 -1.29
C GLN B 456 14.63 15.70 -2.09
N ASP B 457 14.11 14.49 -2.33
CA ASP B 457 14.87 13.46 -3.03
C ASP B 457 14.23 12.86 -4.27
N TYR B 458 12.92 12.95 -4.39
CA TYR B 458 12.22 12.32 -5.51
C TYR B 458 11.56 13.22 -6.57
N LEU B 459 10.83 14.24 -6.15
CA LEU B 459 10.15 15.11 -7.09
C LEU B 459 10.36 16.54 -6.70
N LEU B 460 10.01 17.43 -7.63
CA LEU B 460 10.10 18.85 -7.37
C LEU B 460 8.70 19.39 -7.07
N GLY B 461 8.63 20.23 -6.05
CA GLY B 461 7.37 20.83 -5.62
C GLY B 461 7.72 22.10 -4.89
N SER B 462 6.72 22.86 -4.46
CA SER B 462 6.96 24.12 -3.75
C SER B 462 7.92 23.99 -2.59
N GLY B 463 7.82 22.89 -1.83
CA GLY B 463 8.68 22.69 -0.69
C GLY B 463 10.13 22.49 -1.03
N SER B 464 10.40 22.00 -2.25
CA SER B 464 11.76 21.74 -2.71
C SER B 464 12.70 22.93 -2.60
N VAL B 465 12.19 24.16 -2.67
CA VAL B 465 13.09 25.29 -2.57
C VAL B 465 13.60 25.50 -1.16
N ILE B 466 12.99 24.80 -0.20
CA ILE B 466 13.42 24.85 1.19
C ILE B 466 14.30 23.63 1.42
N TYR B 467 13.75 22.44 1.16
CA TYR B 467 14.46 21.16 1.36
C TYR B 467 15.74 20.96 0.55
N ASN B 468 15.87 21.68 -0.56
CA ASN B 468 17.05 21.61 -1.40
C ASN B 468 17.77 22.93 -1.32
N ASN B 469 17.26 23.92 -2.07
CA ASN B 469 17.85 25.26 -2.18
C ASN B 469 18.29 25.91 -0.88
N ALA B 470 17.33 26.17 0.00
CA ALA B 470 17.62 26.81 1.27
C ALA B 470 18.58 26.00 2.15
N PHE B 471 18.52 24.67 2.11
CA PHE B 471 19.42 23.85 2.93
C PHE B 471 20.85 23.89 2.37
N ILE B 472 20.96 23.94 1.03
CA ILE B 472 22.26 24.02 0.36
C ILE B 472 22.97 25.34 0.72
N ALA B 473 22.23 26.45 0.63
CA ALA B 473 22.73 27.79 0.96
C ALA B 473 23.15 27.85 2.42
N PHE B 474 22.41 27.17 3.29
CA PHE B 474 22.72 27.13 4.72
C PHE B 474 24.01 26.33 4.94
N ALA B 475 24.14 25.20 4.26
CA ALA B 475 25.35 24.38 4.42
C ALA B 475 26.56 25.11 3.80
N THR B 476 26.31 25.98 2.83
CA THR B 476 27.38 26.72 2.16
C THR B 476 27.78 28.00 2.84
N ASP B 477 26.75 28.79 3.19
CA ASP B 477 26.95 30.10 3.80
C ASP B 477 26.48 30.32 5.23
N LEU B 478 25.84 29.32 5.81
CA LEU B 478 25.33 29.43 7.17
C LEU B 478 24.16 30.45 7.21
N ASP B 479 23.54 30.68 6.06
CA ASP B 479 22.40 31.59 5.96
C ASP B 479 21.57 31.05 4.81
N PRO B 480 20.35 30.59 5.11
CA PRO B 480 19.47 30.04 4.06
C PRO B 480 19.00 31.10 3.01
N ASN B 481 19.13 32.38 3.37
CA ASN B 481 18.72 33.48 2.49
C ASN B 481 19.63 33.77 1.29
N THR B 482 20.84 33.21 1.29
CA THR B 482 21.72 33.41 0.15
C THR B 482 21.21 32.59 -1.04
N ALA B 483 20.15 31.81 -0.84
CA ALA B 483 19.57 31.01 -1.91
C ALA B 483 18.74 31.92 -2.80
N GLY B 484 18.49 33.15 -2.34
CA GLY B 484 17.67 34.08 -3.10
C GLY B 484 16.21 33.66 -3.13
N LEU B 485 15.61 33.55 -1.95
CA LEU B 485 14.21 33.14 -1.83
C LEU B 485 13.31 34.34 -2.11
N LEU B 486 12.07 34.07 -2.50
CA LEU B 486 11.12 35.14 -2.79
C LEU B 486 10.73 35.91 -1.54
N VAL B 487 10.76 35.21 -0.41
CA VAL B 487 10.40 35.78 0.89
C VAL B 487 11.60 35.60 1.79
N ASN B 488 11.91 36.62 2.61
CA ASN B 488 13.07 36.51 3.49
C ASN B 488 12.78 35.58 4.67
N TRP B 489 13.75 34.73 4.98
CA TRP B 489 13.63 33.80 6.09
C TRP B 489 14.13 34.52 7.35
N PRO B 490 13.21 34.83 8.27
CA PRO B 490 13.59 35.52 9.51
C PRO B 490 14.21 34.61 10.57
N LYS B 491 15.15 35.17 11.34
CA LYS B 491 15.80 34.44 12.42
C LYS B 491 14.75 34.21 13.49
N TYR B 492 14.87 33.12 14.22
CA TYR B 492 13.92 32.80 15.27
C TYR B 492 14.62 33.05 16.62
N THR B 493 13.99 33.87 17.46
CA THR B 493 14.56 34.15 18.79
C THR B 493 13.80 33.41 19.88
N SER B 494 12.47 33.55 19.87
CA SER B 494 11.58 32.88 20.83
C SER B 494 10.19 32.82 20.25
N SER B 495 9.34 31.96 20.79
CA SER B 495 7.97 31.81 20.33
C SER B 495 7.09 32.99 20.74
N SER B 496 7.60 33.82 21.65
CA SER B 496 6.84 34.97 22.12
C SER B 496 7.32 36.27 21.50
N GLN B 497 8.11 36.18 20.43
CA GLN B 497 8.60 37.39 19.78
C GLN B 497 7.50 38.09 19.01
N SER B 498 7.71 39.39 18.76
CA SER B 498 6.75 40.26 18.10
C SER B 498 6.38 40.03 16.64
N GLY B 499 7.37 39.72 15.80
CA GLY B 499 7.07 39.51 14.39
C GLY B 499 6.96 38.05 14.00
N ASN B 500 6.80 37.81 12.69
CA ASN B 500 6.71 36.47 12.17
C ASN B 500 8.06 35.82 12.33
N ASN B 501 8.08 34.56 12.77
CA ASN B 501 9.35 33.89 12.99
C ASN B 501 9.47 32.53 12.33
N LEU B 502 8.46 32.19 11.53
CA LEU B 502 8.45 30.91 10.84
C LEU B 502 8.31 31.07 9.34
N MET B 503 9.09 30.29 8.60
CA MET B 503 9.01 30.23 7.15
C MET B 503 7.93 29.18 6.92
N MET B 504 6.89 29.51 6.15
CA MET B 504 5.81 28.55 5.89
C MET B 504 5.77 28.14 4.43
N ILE B 505 5.24 26.96 4.17
CA ILE B 505 5.13 26.46 2.81
C ILE B 505 3.74 25.94 2.48
N ASN B 506 3.11 26.49 1.44
CA ASN B 506 1.81 25.96 1.04
C ASN B 506 2.02 25.48 -0.39
N ALA B 507 0.98 24.97 -1.05
CA ALA B 507 1.14 24.49 -2.42
C ALA B 507 1.56 25.54 -3.45
N LEU B 508 1.35 26.82 -3.16
CA LEU B 508 1.68 27.93 -4.07
C LEU B 508 3.05 28.54 -3.86
N GLY B 509 3.66 28.31 -2.71
CA GLY B 509 4.96 28.90 -2.43
C GLY B 509 5.20 29.18 -0.96
N LEU B 510 5.91 30.27 -0.69
CA LEU B 510 6.27 30.61 0.68
C LEU B 510 5.57 31.85 1.25
N TYR B 511 5.57 31.93 2.58
CA TYR B 511 5.00 33.06 3.32
C TYR B 511 5.48 32.88 4.74
N THR B 512 5.28 33.86 5.59
CA THR B 512 5.73 33.70 6.97
C THR B 512 4.56 33.75 7.94
N GLY B 513 4.80 33.22 9.15
CA GLY B 513 3.81 33.18 10.21
C GLY B 513 4.44 33.16 11.61
N LYS B 514 3.64 32.87 12.62
CA LYS B 514 4.15 32.83 13.98
C LYS B 514 4.03 31.45 14.59
N ASP B 515 4.91 31.16 15.53
CA ASP B 515 4.97 29.87 16.21
C ASP B 515 4.19 30.03 17.53
N ASN B 516 2.93 30.41 17.43
CA ASN B 516 2.12 30.63 18.63
C ASN B 516 0.80 29.88 18.63
N PHE B 517 0.76 28.75 17.95
CA PHE B 517 -0.43 27.94 17.89
C PHE B 517 -0.39 26.87 18.99
N ARG B 518 -1.58 26.41 19.40
CA ARG B 518 -1.78 25.37 20.42
C ARG B 518 -0.90 25.54 21.67
N THR B 519 -0.85 26.77 22.19
CA THR B 519 -0.03 27.09 23.37
C THR B 519 -0.47 26.35 24.61
N ALA B 520 -1.77 26.08 24.68
CA ALA B 520 -2.36 25.35 25.79
C ALA B 520 -1.74 23.97 25.78
N GLY B 521 -1.69 23.35 24.60
CA GLY B 521 -1.09 22.03 24.47
C GLY B 521 0.40 22.08 24.81
N TYR B 522 1.04 23.20 24.51
CA TYR B 522 2.46 23.35 24.80
C TYR B 522 2.69 23.32 26.31
N ASP B 523 1.85 24.03 27.06
CA ASP B 523 1.98 24.05 28.52
C ASP B 523 1.63 22.72 29.16
N ALA B 524 0.63 22.05 28.58
CA ALA B 524 0.18 20.76 29.06
C ALA B 524 1.32 19.77 28.98
N LEU B 525 2.08 19.80 27.88
CA LEU B 525 3.18 18.85 27.66
C LEU B 525 4.57 19.25 28.14
N MET B 526 4.88 20.53 28.00
CA MET B 526 6.22 21.00 28.30
C MET B 526 6.50 21.68 29.62
N THR B 527 5.51 21.71 30.52
CA THR B 527 5.73 22.32 31.82
C THR B 527 6.65 21.39 32.61
N ASN B 528 6.36 20.10 32.54
CA ASN B 528 7.19 19.08 33.16
C ASN B 528 7.33 17.95 32.14
N PRO B 529 8.24 18.13 31.17
CA PRO B 529 8.53 17.19 30.09
C PRO B 529 8.70 15.73 30.50
N SER B 530 9.42 15.48 31.59
CA SER B 530 9.65 14.11 32.03
C SER B 530 8.41 13.30 32.38
N SER B 531 7.29 13.98 32.65
CA SER B 531 6.05 13.27 32.97
C SER B 531 5.54 12.48 31.77
N PHE B 532 5.98 12.86 30.57
CA PHE B 532 5.52 12.19 29.35
C PHE B 532 6.60 11.37 28.64
N PHE B 533 7.65 11.03 29.40
CA PHE B 533 8.76 10.23 28.90
C PHE B 533 8.39 8.76 28.73
N VAL B 534 9.08 8.08 27.81
CA VAL B 534 8.83 6.67 27.57
C VAL B 534 10.05 5.79 27.92
C1 NAG C . -12.57 16.08 -8.22
C2 NAG C . -13.39 17.23 -8.79
C3 NAG C . -13.68 17.03 -10.29
C4 NAG C . -12.40 16.60 -11.04
C5 NAG C . -11.77 15.40 -10.33
C6 NAG C . -10.52 14.87 -10.98
C7 NAG C . -15.10 18.36 -7.42
C8 NAG C . -16.47 18.31 -6.80
N2 NAG C . -14.69 17.31 -8.13
O3 NAG C . -14.19 18.24 -10.82
O4 NAG C . -12.72 16.22 -12.40
O5 NAG C . -11.42 15.83 -9.03
O6 NAG C . -9.47 15.82 -10.95
O7 NAG C . -14.40 19.34 -7.21
C1 NAG C . -11.93 16.76 -13.39
C2 NAG C . -12.40 16.29 -14.76
C3 NAG C . -11.65 17.00 -15.88
C4 NAG C . -11.68 18.52 -15.69
C5 NAG C . -11.23 18.88 -14.27
C6 NAG C . -11.39 20.36 -13.97
C7 NAG C . -13.15 13.99 -14.83
C8 NAG C . -12.75 12.53 -15.02
N2 NAG C . -12.16 14.88 -14.92
O3 NAG C . -12.27 16.69 -17.12
O4 NAG C . -10.83 19.08 -16.67
O5 NAG C . -12.03 18.19 -13.29
O6 NAG C . -12.77 20.72 -13.92
O7 NAG C . -14.31 14.32 -14.60
C1 NAG D . -6.87 -1.98 20.92
C2 NAG D . -7.25 -2.19 22.39
C3 NAG D . -6.07 -2.69 23.21
C4 NAG D . -5.27 -3.77 22.49
C5 NAG D . -4.96 -3.33 21.08
C6 NAG D . -4.14 -4.30 20.26
C7 NAG D . -9.00 -0.69 23.20
C8 NAG D . -9.43 0.64 23.81
N2 NAG D . -7.71 -0.92 22.96
O3 NAG D . -6.55 -3.21 24.43
O4 NAG D . -4.03 -4.00 23.19
O5 NAG D . -6.18 -3.13 20.42
O6 NAG D . -4.55 -5.63 20.48
O7 NAG D . -9.90 -1.49 22.91
C1 NAG D . -3.75 -5.30 23.55
C2 NAG D . -2.50 -5.33 24.44
C3 NAG D . -2.23 -6.72 25.00
C4 NAG D . -3.47 -7.21 25.74
C5 NAG D . -4.69 -7.16 24.78
C6 NAG D . -5.99 -7.57 25.44
C7 NAG D . -0.80 -3.75 23.85
C8 NAG D . 0.43 -3.48 22.98
N2 NAG D . -1.33 -4.94 23.68
O3 NAG D . -1.13 -6.64 25.90
O4 NAG D . -3.16 -8.54 26.23
O5 NAG D . -4.88 -5.81 24.27
O6 NAG D . -6.40 -6.64 26.43
O7 NAG D . -1.25 -2.92 24.65
C1 NAG E . -22.37 -14.81 -31.29
C2 NAG E . -21.94 -16.27 -31.35
C3 NAG E . -21.88 -16.78 -32.78
C4 NAG E . -23.21 -16.52 -33.47
C5 NAG E . -23.52 -15.02 -33.37
C6 NAG E . -24.85 -14.62 -34.02
C7 NAG E . -20.38 -17.18 -29.72
C8 NAG E . -18.94 -17.12 -29.23
N2 NAG E . -20.63 -16.37 -30.74
O3 NAG E . -21.59 -18.19 -32.76
O4 NAG E . -23.11 -16.98 -34.84
O5 NAG E . -23.60 -14.64 -32.00
O6 NAG E . -25.91 -15.45 -33.56
O7 NAG E . -21.23 -17.92 -29.24
P PO4 F . -0.49 -25.23 -8.02
O1 PO4 F . -1.08 -24.10 -8.84
O2 PO4 F . 0.99 -25.09 -7.95
O3 PO4 F . -1.11 -25.26 -6.65
O4 PO4 F . -0.80 -26.56 -8.72
C1 CLL G . -10.93 -8.25 -6.97
C2 CLL G . -11.81 -7.30 -7.67
C3 CLL G . -11.22 -6.02 -7.92
C4 CLL G . -9.91 -6.07 -8.76
C5 CLL G . -8.80 -7.05 -8.23
C6 CLL G . -7.62 -6.79 -8.36
C7 CLL G . -6.55 -7.69 -7.85
C8 CLL G . -6.99 -8.79 -6.89
C9 CLL G . -8.49 -8.57 -6.40
C10 CLL G . -9.37 -8.36 -7.52
C11 CLL G . -8.85 -9.69 -5.30
C12 CLL G . -7.72 -9.79 -4.20
C13 CLL G . -6.35 -10.12 -4.74
C14 CLL G . -5.92 -9.03 -5.72
C15 CLL G . -4.44 -9.22 -5.98
C16 CLL G . -4.11 -9.68 -4.63
C17 CLL G . -5.26 -9.97 -3.65
C18 CLL G . -6.27 -11.54 -5.43
C19 CLL G . -9.33 -9.54 -8.59
C20 CLL G . -5.07 -11.05 -2.59
C21 CLL G . -6.25 -11.27 -1.72
C22 CLL G . -3.79 -10.81 -1.84
C23 CLL G . -3.33 -11.72 -0.76
C24 CLL G . -3.41 -11.17 0.61
C25 CLL G . -2.69 -11.78 1.80
C26 CLL G . -2.57 -13.25 1.79
C27 CLL G . -2.90 -11.08 3.09
C28 CLL G . -12.32 -4.31 -8.88
C29 CLL G . -13.28 -3.69 -9.99
C30 CLL G . -14.74 -3.95 -10.05
C31 CLL G . -15.16 -5.02 -10.98
C32 CLL G . -16.34 -4.72 -11.81
C33 CLL G . -17.03 -3.46 -11.50
C34 CLL G . -18.20 -3.35 -12.50
C35 CLL G . -19.12 -2.15 -12.29
C36 CLL G . -19.71 -1.83 -13.61
C37 CLL G . -20.67 -0.74 -13.77
C38 CLL G . -21.12 0.13 -12.67
C39 CLL G . -22.29 0.95 -13.06
C40 CLL G . -22.42 2.21 -12.32
C41 CLL G . -21.49 2.68 -11.31
C42 CLL G . -21.59 4.04 -10.74
C43 CLL G . -21.27 5.00 -11.90
C44 CLL G . -20.07 5.91 -11.50
C45 CLL G . -20.28 6.70 -10.35
O1 CLL G . -11.75 -3.45 -8.29
O2 CLL G . -12.10 -5.17 -8.60
C1 NAG H . 31.37 8.26 25.65
C2 NAG H . 32.50 8.44 24.64
C3 NAG H . 33.80 7.87 25.18
C4 NAG H . 34.12 8.50 26.53
C5 NAG H . 32.91 8.28 27.48
C6 NAG H . 33.08 8.91 28.86
C7 NAG H . 32.10 8.36 22.18
C8 NAG H . 31.82 7.50 20.95
N2 NAG H . 32.21 7.75 23.37
O3 NAG H . 34.85 8.11 24.25
O4 NAG H . 35.34 7.90 27.05
O5 NAG H . 31.71 8.87 26.89
O6 NAG H . 33.05 10.32 28.80
O7 NAG H . 32.20 9.58 22.05
P PO4 I . 24.06 7.95 -7.39
O1 PO4 I . 23.87 7.36 -6.02
O2 PO4 I . 23.72 6.91 -8.44
O3 PO4 I . 23.23 9.18 -7.56
O4 PO4 I . 25.54 8.34 -7.58
C1 CLL J . 8.36 7.85 7.21
C2 CLL J . 8.43 7.81 8.67
C3 CLL J . 9.16 6.69 9.19
C4 CLL J . 10.62 6.57 8.66
C5 CLL J . 10.66 6.41 7.11
C6 CLL J . 11.27 5.52 6.55
C7 CLL J . 11.28 5.39 5.07
C8 CLL J . 10.70 6.57 4.30
C9 CLL J . 9.48 7.22 5.08
C10 CLL J . 9.82 7.58 6.43
C11 CLL J . 8.79 8.35 4.14
C12 CLL J . 8.56 7.87 2.68
C13 CLL J . 9.81 7.40 2.01
C14 CLL J . 10.41 6.22 2.78
C15 CLL J . 11.44 5.60 1.89
C16 CLL J . 10.62 5.71 0.68
C17 CLL J . 9.52 6.75 0.62
C18 CLL J . 10.86 8.53 1.86
C19 CLL J . 10.73 8.92 6.52
C20 CLL J . 9.41 7.62 -0.60
C21 CLL J . 8.61 8.85 -0.43
C22 CLL J . 9.02 6.79 -1.78
C23 CLL J . 8.99 7.35 -3.15
C24 CLL J . 7.73 8.02 -3.51
C25 CLL J . 7.41 8.46 -4.91
C26 CLL J . 8.56 8.94 -5.72
C27 CLL J . 6.10 9.13 -5.09
C28 CLL J . 8.82 6.54 11.38
C29 CLL J . 9.24 6.59 12.87
C30 CLL J . 9.26 7.87 13.62
C31 CLL J . 10.59 8.27 14.12
C32 CLL J . 10.78 8.14 15.57
C33 CLL J . 10.34 9.29 16.36
C34 CLL J . 10.63 8.92 17.83
C35 CLL J . 9.46 9.11 18.81
C36 CLL J . 10.07 9.09 20.15
C37 CLL J . 9.25 9.08 21.37
C38 CLL J . 7.78 9.03 21.36
C39 CLL J . 7.16 10.24 21.91
C40 CLL J . 5.81 10.03 22.48
C41 CLL J . 5.14 8.73 22.55
C42 CLL J . 3.66 8.60 22.50
C43 CLL J . 3.35 7.26 23.17
C44 CLL J . 2.16 6.54 22.44
C45 CLL J . 0.95 7.26 22.46
O1 CLL J . 7.72 6.12 11.26
O2 CLL J . 9.23 6.73 10.57
#